data_4CNI
#
_entry.id   4CNI
#
_cell.length_a   241.988
_cell.length_b   241.988
_cell.length_c   76.591
_cell.angle_alpha   90.00
_cell.angle_beta   90.00
_cell.angle_gamma   120.00
#
_symmetry.space_group_name_H-M   'P 6'
#
loop_
_entity.id
_entity.type
_entity.pdbx_description
1 polymer 'OLOKIZUMAB HEAVY CHAIN, FAB PORTION'
2 polymer 'OLOKIZUMAB LIGHT CHAIN, FAB PORTION'
3 polymer INTERLEUKIN-6
4 non-polymer TRIS(HYDROXYETHYL)AMINOMETHANE
5 non-polymer 'SULFATE ION'
6 water water
#
loop_
_entity_poly.entity_id
_entity_poly.type
_entity_poly.pdbx_seq_one_letter_code
_entity_poly.pdbx_strand_id
1 'polypeptide(L)'
;EVQLVESGGGLVQPGGSLRLSCAASGFNFNDYFMNWVRQAPGKGLEWVAQMRNKNYQYGTYYAESLEGRFTISRDDSKNS
LYLQMNSLKTEDTAVYYCARESYYGFTSYWGQGTLVTVSSASTKGPSVFPLAPCSRSTSESTAALGCLVKDYFPEPVTVS
WNSGALTSGVHTFPAVLQSSGLYSLSSVVTVPSSSLGTKTYTCNVDHKPSNTKVDKRVES
;
A,H
2 'polypeptide(L)'
;DIQMTQSPSSLSASVGDRVTITCQASQDIGISLSWYQQKPGKAPKLLIYNANNLADGVPSRFSGSGSGTDFTLTISSLQP
EDFATYYCLQHNSAPYTFGQGTKLEIKRTVAAPSVFIFPPSDEQLKSGTASVVCLLNNFYPREAKVQWKVDNALQSGNSQ
ESVTEQDSKDSTYSLSSTLTLSKADYEKHKVYACEVTHQGLSSPVTKSFNRGEC
;
B,L
3 'polypeptide(L)'
;PHRQPLTSSERIDKQIRYILDGISALRKETCNKSNMCESSKEALAENNLNLPKMAEKDGCFQSGFNEETCLVKIITGLLE
FEVYLEYLQNRFESSEEQARAVQMSTKVLIQFLQKKAKNLDAITTPDPTTNASLLTKLQAQNQWLQDMTTHLILRSFKEF
LQSSLRALRQM
;
C,D
#
# COMPACT_ATOMS: atom_id res chain seq x y z
N GLU A 1 5.60 -20.01 -25.86
CA GLU A 1 6.83 -19.32 -25.39
C GLU A 1 7.99 -20.29 -25.27
N VAL A 2 9.20 -19.78 -25.53
CA VAL A 2 10.43 -20.53 -25.31
C VAL A 2 10.66 -20.64 -23.80
N GLN A 3 10.89 -21.87 -23.32
CA GLN A 3 11.25 -22.07 -21.94
C GLN A 3 12.50 -22.94 -21.78
N LEU A 4 13.40 -22.49 -20.90
CA LEU A 4 14.58 -23.23 -20.53
C LEU A 4 14.62 -23.35 -19.01
N VAL A 5 14.60 -24.58 -18.51
CA VAL A 5 14.56 -24.81 -17.06
C VAL A 5 15.73 -25.68 -16.61
N GLU A 6 16.60 -25.11 -15.79
CA GLU A 6 17.75 -25.82 -15.23
C GLU A 6 17.36 -26.67 -14.02
N SER A 7 18.07 -27.78 -13.84
CA SER A 7 17.95 -28.65 -12.67
C SER A 7 19.34 -29.12 -12.28
N GLY A 8 19.42 -29.73 -11.11
CA GLY A 8 20.63 -30.44 -10.70
C GLY A 8 21.63 -29.60 -9.94
N GLY A 9 21.30 -28.34 -9.68
CA GLY A 9 22.21 -27.47 -8.94
C GLY A 9 22.28 -27.85 -7.48
N GLY A 10 23.09 -27.14 -6.71
CA GLY A 10 23.16 -27.37 -5.28
C GLY A 10 24.58 -27.43 -4.80
N LEU A 11 24.79 -28.03 -3.63
CA LEU A 11 26.12 -28.08 -3.03
C LEU A 11 26.93 -29.29 -3.52
N VAL A 12 28.24 -29.12 -3.54
CA VAL A 12 29.15 -30.20 -3.93
C VAL A 12 30.46 -29.91 -3.23
N GLN A 13 31.17 -30.96 -2.84
CA GLN A 13 32.44 -30.84 -2.14
CA GLN A 13 32.44 -30.83 -2.14
C GLN A 13 33.57 -30.46 -3.11
N PRO A 14 34.60 -29.72 -2.64
CA PRO A 14 35.73 -29.45 -3.53
C PRO A 14 36.34 -30.76 -4.07
N GLY A 15 36.54 -30.81 -5.39
CA GLY A 15 37.03 -31.99 -6.07
C GLY A 15 35.91 -32.83 -6.66
N GLY A 16 34.67 -32.48 -6.31
CA GLY A 16 33.52 -33.28 -6.70
C GLY A 16 33.03 -33.07 -8.11
N SER A 17 31.97 -33.81 -8.46
CA SER A 17 31.35 -33.73 -9.76
C SER A 17 29.88 -33.42 -9.59
N LEU A 18 29.32 -32.72 -10.58
CA LEU A 18 27.91 -32.42 -10.60
C LEU A 18 27.43 -32.35 -12.04
N ARG A 19 26.23 -32.86 -12.28
CA ARG A 19 25.66 -32.82 -13.60
C ARG A 19 24.42 -31.93 -13.61
N LEU A 20 24.48 -30.85 -14.38
CA LEU A 20 23.35 -29.96 -14.55
C LEU A 20 22.52 -30.39 -15.74
N SER A 21 21.22 -30.13 -15.67
CA SER A 21 20.29 -30.43 -16.74
C SER A 21 19.55 -29.17 -17.16
N CYS A 22 19.10 -29.15 -18.40
CA CYS A 22 18.24 -28.07 -18.87
C CYS A 22 17.13 -28.67 -19.72
N ALA A 23 15.89 -28.45 -19.31
CA ALA A 23 14.73 -28.90 -20.07
C ALA A 23 14.22 -27.75 -20.92
N ALA A 24 14.28 -27.93 -22.23
CA ALA A 24 13.86 -26.92 -23.18
C ALA A 24 12.47 -27.25 -23.72
N SER A 25 11.67 -26.22 -23.96
CA SER A 25 10.35 -26.38 -24.59
C SER A 25 9.92 -25.13 -25.37
N GLY A 26 8.98 -25.32 -26.29
CA GLY A 26 8.41 -24.21 -27.06
C GLY A 26 9.16 -23.86 -28.33
N PHE A 27 10.11 -24.73 -28.72
CA PHE A 27 10.84 -24.58 -29.98
C PHE A 27 11.44 -25.92 -30.40
N ASN A 28 11.91 -26.02 -31.64
CA ASN A 28 12.55 -27.24 -32.09
C ASN A 28 14.00 -27.30 -31.60
N PHE A 29 14.17 -27.87 -30.40
CA PHE A 29 15.45 -28.00 -29.71
C PHE A 29 16.57 -28.51 -30.61
N ASN A 30 16.24 -29.52 -31.44
CA ASN A 30 17.19 -30.17 -32.33
C ASN A 30 17.94 -29.22 -33.25
N ASP A 31 17.27 -28.16 -33.69
CA ASP A 31 17.83 -27.25 -34.68
C ASP A 31 18.86 -26.27 -34.11
N TYR A 32 18.90 -26.11 -32.79
CA TYR A 32 19.66 -25.02 -32.19
C TYR A 32 20.95 -25.42 -31.50
N PHE A 33 21.96 -24.56 -31.66
CA PHE A 33 23.13 -24.54 -30.78
C PHE A 33 22.62 -24.09 -29.40
N MET A 34 23.26 -24.59 -28.35
CA MET A 34 22.94 -24.20 -26.98
C MET A 34 24.23 -23.84 -26.25
N ASN A 35 24.13 -22.96 -25.26
CA ASN A 35 25.27 -22.53 -24.45
C ASN A 35 24.98 -22.69 -22.96
N TRP A 36 26.06 -22.74 -22.17
CA TRP A 36 26.01 -22.53 -20.72
C TRP A 36 26.81 -21.28 -20.41
N VAL A 37 26.28 -20.48 -19.51
CA VAL A 37 26.93 -19.27 -19.05
C VAL A 37 26.84 -19.29 -17.54
N ARG A 38 27.86 -18.79 -16.87
CA ARG A 38 27.83 -18.78 -15.42
C ARG A 38 28.19 -17.41 -14.88
N GLN A 39 27.80 -17.19 -13.63
CA GLN A 39 28.05 -15.92 -12.96
C GLN A 39 28.30 -16.17 -11.48
N ALA A 40 29.52 -15.91 -11.03
CA ALA A 40 29.87 -16.02 -9.62
C ALA A 40 29.19 -14.88 -8.85
N PRO A 41 28.78 -15.12 -7.58
CA PRO A 41 28.05 -14.08 -6.82
C PRO A 41 28.76 -12.74 -6.86
N GLY A 42 28.04 -11.71 -7.33
CA GLY A 42 28.58 -10.36 -7.43
C GLY A 42 29.62 -10.14 -8.52
N LYS A 43 29.78 -11.10 -9.43
CA LYS A 43 30.83 -10.99 -10.46
C LYS A 43 30.25 -10.93 -11.88
N GLY A 44 31.14 -10.81 -12.86
CA GLY A 44 30.72 -10.69 -14.25
C GLY A 44 30.23 -11.99 -14.85
N LEU A 45 29.59 -11.88 -16.01
CA LEU A 45 29.19 -13.03 -16.81
C LEU A 45 30.41 -13.77 -17.35
N GLU A 46 30.37 -15.11 -17.30
CA GLU A 46 31.43 -15.93 -17.90
C GLU A 46 30.81 -16.99 -18.80
N TRP A 47 31.09 -16.88 -20.09
CA TRP A 47 30.63 -17.86 -21.07
C TRP A 47 31.34 -19.18 -20.79
N VAL A 48 30.60 -20.29 -20.82
CA VAL A 48 31.15 -21.59 -20.39
C VAL A 48 31.40 -22.58 -21.53
N ALA A 49 30.36 -22.94 -22.26
CA ALA A 49 30.46 -23.98 -23.28
C ALA A 49 29.36 -23.85 -24.32
N GLN A 50 29.61 -24.45 -25.49
CA GLN A 50 28.65 -24.49 -26.58
C GLN A 50 28.42 -25.93 -26.97
N MET A 51 27.15 -26.26 -27.18
CA MET A 51 26.75 -27.55 -27.70
C MET A 51 26.12 -27.32 -29.06
N ARG A 52 26.73 -27.89 -30.10
CA ARG A 52 26.22 -27.72 -31.45
C ARG A 52 25.18 -28.78 -31.78
N ASN A 53 24.54 -28.64 -32.92
CA ASN A 53 23.51 -29.58 -33.35
C ASN A 53 24.04 -30.72 -34.21
N LYS A 54 23.14 -31.60 -34.64
CA LYS A 54 23.46 -32.73 -35.51
C LYS A 54 24.15 -32.30 -36.81
N ASN A 55 23.61 -31.25 -37.44
CA ASN A 55 24.17 -30.67 -38.66
C ASN A 55 25.65 -30.28 -38.52
N TYR A 56 26.07 -29.99 -37.29
CA TYR A 56 27.45 -29.65 -37.00
C TYR A 56 28.17 -30.73 -36.19
N GLN A 57 27.68 -31.97 -36.33
CA GLN A 57 28.30 -33.16 -35.73
C GLN A 57 28.42 -33.09 -34.20
N TYR A 58 27.48 -32.39 -33.57
CA TYR A 58 27.43 -32.26 -32.11
C TYR A 58 28.75 -31.75 -31.55
N GLY A 59 29.40 -30.87 -32.30
CA GLY A 59 30.66 -30.25 -31.85
C GLY A 59 30.51 -29.52 -30.53
N THR A 60 31.58 -29.46 -29.76
CA THR A 60 31.56 -28.84 -28.44
C THR A 60 32.74 -27.89 -28.31
N TYR A 61 32.51 -26.72 -27.71
CA TYR A 61 33.55 -25.75 -27.42
C TYR A 61 33.47 -25.30 -25.97
N TYR A 62 34.62 -24.97 -25.39
CA TYR A 62 34.71 -24.65 -23.97
C TYR A 62 35.59 -23.43 -23.78
N ALA A 63 35.26 -22.61 -22.78
CA ALA A 63 36.17 -21.57 -22.31
C ALA A 63 37.47 -22.24 -21.89
N GLU A 64 38.60 -21.63 -22.24
CA GLU A 64 39.90 -22.23 -21.92
C GLU A 64 40.17 -22.26 -20.42
N SER A 65 39.64 -21.28 -19.69
CA SER A 65 39.88 -21.19 -18.24
C SER A 65 39.36 -22.42 -17.50
N LEU A 66 38.49 -23.19 -18.13
CA LEU A 66 37.92 -24.39 -17.52
C LEU A 66 38.87 -25.58 -17.54
N GLU A 67 39.91 -25.49 -18.37
CA GLU A 67 40.95 -26.53 -18.49
C GLU A 67 40.39 -27.94 -18.66
N GLY A 68 39.37 -28.06 -19.50
CA GLY A 68 38.79 -29.37 -19.82
C GLY A 68 38.02 -30.08 -18.71
N ARG A 69 37.84 -29.42 -17.55
CA ARG A 69 37.09 -30.00 -16.42
C ARG A 69 35.60 -30.20 -16.68
N PHE A 70 35.04 -29.51 -17.67
CA PHE A 70 33.59 -29.55 -17.93
C PHE A 70 33.30 -30.27 -19.23
N THR A 71 32.15 -30.94 -19.28
CA THR A 71 31.68 -31.59 -20.49
C THR A 71 30.22 -31.28 -20.77
N ILE A 72 29.97 -30.70 -21.94
CA ILE A 72 28.61 -30.39 -22.38
C ILE A 72 28.09 -31.55 -23.23
N SER A 73 26.79 -31.82 -23.15
CA SER A 73 26.17 -32.84 -23.99
C SER A 73 24.70 -32.51 -24.15
N ARG A 74 24.03 -33.19 -25.08
CA ARG A 74 22.60 -32.99 -25.28
C ARG A 74 21.90 -34.32 -25.54
N ASP A 75 20.60 -34.33 -25.29
CA ASP A 75 19.74 -35.45 -25.65
C ASP A 75 18.52 -34.91 -26.37
N ASP A 76 18.52 -35.03 -27.69
CA ASP A 76 17.49 -34.42 -28.52
C ASP A 76 16.14 -35.11 -28.38
N SER A 77 16.14 -36.40 -28.07
CA SER A 77 14.89 -37.13 -27.83
C SER A 77 14.20 -36.66 -26.54
N LYS A 78 14.97 -36.07 -25.63
CA LYS A 78 14.43 -35.56 -24.37
C LYS A 78 14.39 -34.03 -24.30
N ASN A 79 14.78 -33.36 -25.39
CA ASN A 79 14.93 -31.90 -25.43
C ASN A 79 15.72 -31.34 -24.26
N SER A 80 16.86 -31.98 -23.97
CA SER A 80 17.64 -31.64 -22.80
C SER A 80 19.10 -31.38 -23.10
N LEU A 81 19.66 -30.41 -22.36
CA LEU A 81 21.05 -30.03 -22.43
C LEU A 81 21.68 -30.42 -21.10
N TYR A 82 22.94 -30.87 -21.11
CA TYR A 82 23.64 -31.24 -19.87
C TYR A 82 25.01 -30.59 -19.75
N LEU A 83 25.41 -30.28 -18.53
CA LEU A 83 26.75 -29.81 -18.24
C LEU A 83 27.34 -30.66 -17.11
N GLN A 84 28.23 -31.58 -17.47
CA GLN A 84 28.94 -32.40 -16.51
C GLN A 84 30.15 -31.63 -16.02
N MET A 85 30.22 -31.39 -14.72
CA MET A 85 31.30 -30.62 -14.12
C MET A 85 32.14 -31.55 -13.24
N ASN A 86 33.47 -31.46 -13.35
CA ASN A 86 34.38 -32.33 -12.62
C ASN A 86 35.48 -31.55 -11.95
N SER A 87 36.18 -32.19 -11.01
CA SER A 87 37.27 -31.55 -10.27
C SER A 87 36.89 -30.15 -9.81
N LEU A 88 35.70 -30.01 -9.24
CA LEU A 88 35.16 -28.69 -8.91
C LEU A 88 35.99 -27.96 -7.89
N LYS A 89 36.14 -26.66 -8.10
CA LYS A 89 36.80 -25.81 -7.11
C LYS A 89 35.87 -24.71 -6.62
N THR A 90 36.27 -24.05 -5.52
CA THR A 90 35.43 -23.06 -4.89
C THR A 90 35.12 -21.92 -5.86
N GLU A 91 36.07 -21.60 -6.74
CA GLU A 91 35.84 -20.58 -7.76
C GLU A 91 34.81 -20.98 -8.83
N ASP A 92 34.32 -22.22 -8.81
CA ASP A 92 33.24 -22.63 -9.70
C ASP A 92 31.86 -22.36 -9.09
N THR A 93 31.85 -21.91 -7.85
CA THR A 93 30.59 -21.49 -7.20
C THR A 93 29.99 -20.35 -8.01
N ALA A 94 28.80 -20.57 -8.55
CA ALA A 94 28.15 -19.60 -9.45
C ALA A 94 26.74 -20.01 -9.73
N VAL A 95 25.95 -19.07 -10.27
CA VAL A 95 24.69 -19.39 -10.92
C VAL A 95 25.03 -19.84 -12.34
N TYR A 96 24.45 -20.95 -12.78
CA TYR A 96 24.69 -21.48 -14.10
C TYR A 96 23.43 -21.33 -14.95
N TYR A 97 23.53 -20.59 -16.04
CA TYR A 97 22.42 -20.38 -16.96
C TYR A 97 22.54 -21.24 -18.21
N CYS A 98 21.45 -21.91 -18.54
CA CYS A 98 21.23 -22.57 -19.82
C CYS A 98 20.76 -21.47 -20.79
N ALA A 99 21.21 -21.54 -22.04
CA ALA A 99 20.90 -20.49 -23.02
C ALA A 99 20.84 -21.00 -24.46
N ARG A 100 19.90 -20.46 -25.23
CA ARG A 100 19.80 -20.79 -26.64
C ARG A 100 20.68 -19.84 -27.45
N GLU A 101 21.48 -20.41 -28.35
CA GLU A 101 22.38 -19.61 -29.20
C GLU A 101 21.69 -19.32 -30.52
N SER A 102 21.81 -18.07 -30.98
CA SER A 102 21.28 -17.67 -32.28
C SER A 102 22.10 -18.25 -33.45
N TYR A 103 21.44 -18.40 -34.59
CA TYR A 103 22.11 -18.59 -35.87
C TYR A 103 23.33 -17.65 -35.97
N TYR A 104 23.14 -16.41 -35.52
CA TYR A 104 24.17 -15.40 -35.59
C TYR A 104 25.22 -15.49 -34.49
N GLY A 105 25.00 -16.38 -33.52
CA GLY A 105 25.95 -16.58 -32.44
C GLY A 105 25.60 -15.96 -31.09
N PHE A 106 24.78 -14.90 -31.07
CA PHE A 106 24.47 -14.24 -29.82
C PHE A 106 23.46 -15.07 -29.02
N THR A 107 23.46 -14.90 -27.71
CA THR A 107 22.52 -15.59 -26.85
C THR A 107 21.18 -14.89 -26.94
N SER A 108 20.13 -15.64 -27.29
CA SER A 108 18.80 -15.09 -27.50
C SER A 108 17.81 -15.38 -26.37
N TYR A 109 17.89 -16.56 -25.77
CA TYR A 109 17.01 -16.93 -24.65
C TYR A 109 17.83 -17.52 -23.51
N TRP A 110 17.41 -17.19 -22.28
CA TRP A 110 18.10 -17.61 -21.07
C TRP A 110 17.12 -18.31 -20.13
N GLY A 111 17.63 -19.30 -19.40
CA GLY A 111 16.89 -19.88 -18.27
C GLY A 111 17.01 -18.94 -17.08
N GLN A 112 16.40 -19.31 -15.96
CA GLN A 112 16.45 -18.49 -14.75
C GLN A 112 17.76 -18.72 -14.00
N GLY A 113 18.46 -19.81 -14.34
CA GLY A 113 19.74 -20.13 -13.72
C GLY A 113 19.57 -20.98 -12.47
N THR A 114 20.59 -21.78 -12.17
CA THR A 114 20.62 -22.60 -10.96
C THR A 114 21.95 -22.42 -10.24
N LEU A 115 21.89 -22.27 -8.92
CA LEU A 115 23.09 -22.03 -8.13
C LEU A 115 23.82 -23.33 -7.80
N VAL A 116 25.13 -23.33 -8.01
CA VAL A 116 25.98 -24.43 -7.64
C VAL A 116 26.97 -23.87 -6.63
N THR A 117 27.07 -24.51 -5.47
CA THR A 117 28.00 -24.10 -4.43
C THR A 117 29.03 -25.19 -4.16
N VAL A 118 30.31 -24.85 -4.30
CA VAL A 118 31.39 -25.78 -4.08
C VAL A 118 32.03 -25.42 -2.74
N SER A 119 31.94 -26.33 -1.79
CA SER A 119 32.35 -26.04 -0.41
C SER A 119 32.42 -27.32 0.44
N SER A 120 33.29 -27.31 1.45
CA SER A 120 33.27 -28.42 2.41
C SER A 120 32.11 -28.36 3.41
N ALA A 121 31.40 -27.23 3.47
CA ALA A 121 30.30 -27.06 4.44
C ALA A 121 29.08 -27.92 4.12
N SER A 122 28.36 -28.32 5.17
CA SER A 122 27.14 -29.11 5.03
C SER A 122 25.91 -28.21 5.10
N THR A 123 24.83 -28.63 4.46
CA THR A 123 23.56 -27.92 4.52
C THR A 123 23.18 -27.64 5.98
N LYS A 124 22.79 -26.40 6.25
CA LYS A 124 22.44 -25.94 7.60
C LYS A 124 21.43 -24.79 7.54
N GLY A 125 20.30 -24.97 8.25
CA GLY A 125 19.31 -23.91 8.42
C GLY A 125 19.84 -22.77 9.26
N PRO A 126 19.31 -21.55 9.05
CA PRO A 126 19.78 -20.39 9.78
C PRO A 126 19.22 -20.33 11.20
N SER A 127 19.96 -19.67 12.09
CA SER A 127 19.43 -19.16 13.35
C SER A 127 19.07 -17.69 13.13
N VAL A 128 17.84 -17.33 13.47
CA VAL A 128 17.35 -15.97 13.28
C VAL A 128 17.23 -15.27 14.63
N PHE A 129 17.95 -14.17 14.78
CA PHE A 129 17.95 -13.40 16.02
C PHE A 129 17.39 -11.98 15.78
N PRO A 130 16.65 -11.42 16.76
CA PRO A 130 16.15 -10.05 16.58
C PRO A 130 17.25 -9.00 16.62
N LEU A 131 17.08 -7.94 15.82
CA LEU A 131 17.86 -6.73 15.93
C LEU A 131 16.95 -5.62 16.48
N ALA A 132 17.29 -5.15 17.67
CA ALA A 132 16.51 -4.12 18.37
C ALA A 132 17.51 -3.29 19.17
N PRO A 133 17.33 -1.96 19.22
CA PRO A 133 18.29 -1.12 19.97
C PRO A 133 18.25 -1.41 21.48
N CYS A 134 19.31 -1.00 22.17
CA CYS A 134 19.44 -1.25 23.61
C CYS A 134 18.20 -0.76 24.34
N SER A 135 17.76 0.45 24.02
CA SER A 135 16.51 0.99 24.54
C SER A 135 15.92 1.92 23.50
N ARG A 136 14.62 2.22 23.64
CA ARG A 136 13.97 3.21 22.79
C ARG A 136 14.60 4.60 22.89
N SER A 137 14.75 5.25 21.74
CA SER A 137 15.15 6.65 21.74
C SER A 137 13.93 7.51 22.02
N THR A 138 14.16 8.60 22.74
CA THR A 138 13.11 9.58 22.99
C THR A 138 13.21 10.75 22.01
N SER A 139 14.42 11.02 21.51
CA SER A 139 14.65 12.15 20.61
C SER A 139 14.36 11.86 19.13
N GLU A 140 14.72 10.67 18.66
CA GLU A 140 14.76 10.38 17.23
C GLU A 140 13.39 10.04 16.61
N SER A 141 13.14 10.58 15.42
CA SER A 141 11.87 10.37 14.72
C SER A 141 11.80 9.02 13.99
N THR A 142 12.96 8.47 13.67
CA THR A 142 13.02 7.19 12.96
C THR A 142 13.63 6.12 13.87
N ALA A 143 13.05 4.94 13.83
CA ALA A 143 13.60 3.79 14.54
C ALA A 143 14.01 2.74 13.52
N ALA A 144 15.04 1.96 13.86
CA ALA A 144 15.43 0.80 13.07
C ALA A 144 15.24 -0.49 13.88
N LEU A 145 14.80 -1.52 13.19
CA LEU A 145 14.79 -2.86 13.77
C LEU A 145 15.06 -3.86 12.65
N GLY A 146 15.37 -5.10 13.03
CA GLY A 146 15.58 -6.13 12.03
C GLY A 146 15.79 -7.50 12.61
N CYS A 147 16.31 -8.39 11.75
CA CYS A 147 16.70 -9.73 12.13
CA CYS A 147 16.75 -9.68 12.20
C CYS A 147 18.06 -10.10 11.57
N LEU A 148 18.87 -10.76 12.37
CA LEU A 148 20.13 -11.30 11.93
C LEU A 148 19.90 -12.77 11.56
N VAL A 149 20.20 -13.11 10.31
CA VAL A 149 20.00 -14.46 9.79
C VAL A 149 21.38 -15.13 9.74
N LYS A 150 21.72 -15.85 10.81
CA LYS A 150 23.08 -16.32 11.04
C LYS A 150 23.32 -17.83 10.81
N ASP A 151 24.50 -18.13 10.26
CA ASP A 151 25.03 -19.50 10.14
C ASP A 151 24.19 -20.46 9.31
N TYR A 152 23.89 -20.09 8.07
CA TYR A 152 23.18 -21.01 7.19
C TYR A 152 24.06 -21.38 6.00
N PHE A 153 23.65 -22.42 5.28
CA PHE A 153 24.38 -22.91 4.13
C PHE A 153 23.53 -23.90 3.35
N PRO A 154 23.54 -23.81 2.00
CA PRO A 154 24.18 -22.77 1.20
C PRO A 154 23.24 -21.58 1.04
N GLU A 155 23.62 -20.61 0.19
CA GLU A 155 22.68 -19.61 -0.29
C GLU A 155 21.57 -20.31 -1.07
N PRO A 156 20.39 -19.68 -1.21
CA PRO A 156 19.99 -18.38 -0.70
C PRO A 156 18.97 -18.46 0.45
N VAL A 157 18.76 -17.35 1.14
CA VAL A 157 17.60 -17.19 2.00
C VAL A 157 16.73 -16.06 1.45
N THR A 158 15.43 -16.13 1.71
CA THR A 158 14.55 -15.00 1.43
C THR A 158 13.97 -14.47 2.74
N VAL A 159 13.90 -13.14 2.82
CA VAL A 159 13.33 -12.47 3.98
C VAL A 159 12.21 -11.55 3.53
N SER A 160 11.05 -11.68 4.18
CA SER A 160 10.00 -10.68 4.08
C SER A 160 9.64 -10.18 5.48
N TRP A 161 8.86 -9.10 5.53
CA TRP A 161 8.42 -8.54 6.80
C TRP A 161 6.90 -8.51 6.82
N ASN A 162 6.35 -8.91 7.96
CA ASN A 162 4.90 -8.97 8.17
C ASN A 162 4.17 -9.65 7.01
N SER A 163 4.69 -10.81 6.62
CA SER A 163 4.13 -11.65 5.55
C SER A 163 4.05 -10.96 4.19
N GLY A 164 4.92 -9.98 3.97
CA GLY A 164 4.97 -9.27 2.69
C GLY A 164 4.20 -7.96 2.68
N ALA A 165 3.53 -7.65 3.79
CA ALA A 165 2.75 -6.40 3.91
C ALA A 165 3.62 -5.17 4.18
N LEU A 166 4.80 -5.37 4.76
CA LEU A 166 5.74 -4.28 5.00
C LEU A 166 6.91 -4.35 4.03
N THR A 167 7.03 -3.38 3.15
CA THR A 167 8.09 -3.37 2.13
C THR A 167 8.87 -2.06 2.12
N SER A 168 8.19 -0.97 2.46
CA SER A 168 8.81 0.34 2.50
C SER A 168 9.85 0.42 3.64
N GLY A 169 11.03 0.92 3.30
CA GLY A 169 12.12 1.06 4.27
C GLY A 169 12.87 -0.22 4.61
N VAL A 170 12.53 -1.32 3.96
CA VAL A 170 13.21 -2.61 4.20
C VAL A 170 14.52 -2.68 3.42
N HIS A 171 15.59 -3.07 4.11
CA HIS A 171 16.84 -3.44 3.45
C HIS A 171 17.28 -4.83 3.88
N THR A 172 17.30 -5.76 2.93
CA THR A 172 17.88 -7.09 3.15
C THR A 172 19.27 -7.11 2.50
N PHE A 173 20.30 -7.21 3.33
CA PHE A 173 21.68 -7.08 2.87
C PHE A 173 22.20 -8.35 2.21
N PRO A 174 23.20 -8.21 1.32
CA PRO A 174 23.87 -9.37 0.75
C PRO A 174 24.53 -10.21 1.85
N ALA A 175 24.41 -11.52 1.77
CA ALA A 175 25.12 -12.41 2.72
C ALA A 175 26.63 -12.17 2.70
N VAL A 176 27.25 -12.33 3.87
CA VAL A 176 28.69 -12.46 3.96
C VAL A 176 29.02 -13.92 4.30
N LEU A 177 30.12 -14.42 3.73
CA LEU A 177 30.59 -15.78 4.01
C LEU A 177 31.58 -15.69 5.15
N GLN A 178 31.25 -16.35 6.25
CA GLN A 178 32.11 -16.30 7.43
C GLN A 178 33.28 -17.30 7.29
N SER A 179 34.31 -17.13 8.12
CA SER A 179 35.47 -18.03 8.09
C SER A 179 35.09 -19.46 8.46
N SER A 180 33.92 -19.63 9.06
CA SER A 180 33.38 -20.96 9.37
C SER A 180 32.85 -21.67 8.12
N GLY A 181 32.67 -20.93 7.03
CA GLY A 181 32.10 -21.51 5.81
C GLY A 181 30.59 -21.36 5.73
N LEU A 182 30.00 -20.73 6.73
CA LEU A 182 28.55 -20.51 6.77
C LEU A 182 28.23 -19.06 6.41
N TYR A 183 27.06 -18.83 5.85
CA TYR A 183 26.66 -17.47 5.51
C TYR A 183 25.93 -16.79 6.66
N SER A 184 25.88 -15.47 6.60
CA SER A 184 25.15 -14.67 7.56
C SER A 184 24.71 -13.40 6.85
N LEU A 185 23.47 -12.99 7.09
CA LEU A 185 22.99 -11.70 6.62
C LEU A 185 22.03 -11.05 7.62
N SER A 186 21.83 -9.75 7.46
CA SER A 186 20.85 -9.03 8.25
C SER A 186 19.80 -8.43 7.35
N SER A 187 18.57 -8.36 7.87
CA SER A 187 17.49 -7.65 7.20
C SER A 187 16.95 -6.63 8.18
N VAL A 188 16.91 -5.37 7.75
CA VAL A 188 16.47 -4.28 8.60
C VAL A 188 15.28 -3.54 7.99
N VAL A 189 14.55 -2.84 8.86
CA VAL A 189 13.51 -1.91 8.40
C VAL A 189 13.56 -0.68 9.29
N THR A 190 13.45 0.50 8.68
CA THR A 190 13.29 1.73 9.45
C THR A 190 11.81 2.09 9.50
N VAL A 191 11.35 2.55 10.65
CA VAL A 191 9.93 2.84 10.87
C VAL A 191 9.81 4.13 11.70
N PRO A 192 8.63 4.80 11.65
CA PRO A 192 8.51 5.96 12.53
C PRO A 192 8.58 5.49 13.97
N SER A 193 9.34 6.22 14.78
CA SER A 193 9.54 5.81 16.16
C SER A 193 8.22 5.80 16.95
N SER A 194 7.24 6.58 16.48
CA SER A 194 5.92 6.62 17.12
C SER A 194 5.10 5.35 16.89
N SER A 195 5.49 4.57 15.88
CA SER A 195 4.89 3.27 15.59
C SER A 195 5.27 2.17 16.58
N LEU A 196 6.39 2.34 17.27
CA LEU A 196 6.91 1.29 18.15
C LEU A 196 5.93 1.01 19.28
N GLY A 197 5.64 -0.26 19.48
CA GLY A 197 4.70 -0.69 20.51
C GLY A 197 3.24 -0.60 20.11
N THR A 198 2.95 -0.08 18.91
CA THR A 198 1.55 0.04 18.46
C THR A 198 1.23 -1.03 17.42
N LYS A 199 2.25 -1.77 17.03
CA LYS A 199 2.20 -2.61 15.85
C LYS A 199 3.27 -3.70 16.02
N THR A 200 3.00 -4.90 15.50
CA THR A 200 4.00 -5.97 15.55
C THR A 200 4.83 -5.97 14.26
N TYR A 201 6.11 -6.29 14.42
CA TYR A 201 7.02 -6.44 13.30
C TYR A 201 7.63 -7.84 13.36
N THR A 202 7.38 -8.63 12.32
CA THR A 202 7.84 -10.00 12.25
C THR A 202 8.61 -10.20 10.95
N CYS A 203 9.85 -10.68 11.05
CA CYS A 203 10.55 -11.07 9.83
C CYS A 203 10.29 -12.54 9.53
N ASN A 204 10.05 -12.83 8.25
CA ASN A 204 9.78 -14.19 7.80
C ASN A 204 10.95 -14.65 6.94
N VAL A 205 11.66 -15.66 7.44
CA VAL A 205 12.88 -16.15 6.81
C VAL A 205 12.64 -17.53 6.21
N ASP A 206 13.08 -17.69 4.97
CA ASP A 206 12.87 -18.94 4.24
C ASP A 206 14.20 -19.42 3.68
N HIS A 207 14.57 -20.64 4.02
CA HIS A 207 15.78 -21.28 3.51
C HIS A 207 15.37 -22.63 2.92
N LYS A 208 15.09 -22.64 1.63
CA LYS A 208 14.67 -23.86 0.94
C LYS A 208 15.69 -25.01 1.00
N PRO A 209 17.01 -24.72 0.87
CA PRO A 209 17.97 -25.83 0.87
C PRO A 209 17.92 -26.72 2.10
N SER A 210 17.47 -26.18 3.23
CA SER A 210 17.32 -26.97 4.46
C SER A 210 15.85 -27.12 4.80
N ASN A 211 14.99 -26.64 3.90
CA ASN A 211 13.55 -26.58 4.15
C ASN A 211 13.24 -26.01 5.53
N THR A 212 13.79 -24.84 5.84
CA THR A 212 13.47 -24.17 7.09
C THR A 212 12.69 -22.88 6.85
N LYS A 213 11.65 -22.69 7.67
CA LYS A 213 10.87 -21.45 7.71
C LYS A 213 10.85 -20.96 9.15
N VAL A 214 11.16 -19.68 9.35
CA VAL A 214 11.24 -19.10 10.68
C VAL A 214 10.58 -17.72 10.67
N ASP A 215 9.61 -17.52 11.57
CA ASP A 215 9.09 -16.19 11.83
C ASP A 215 9.66 -15.68 13.14
N LYS A 216 10.24 -14.48 13.11
CA LYS A 216 10.81 -13.89 14.31
C LYS A 216 10.16 -12.53 14.53
N ARG A 217 9.36 -12.44 15.59
CA ARG A 217 8.72 -11.20 15.98
C ARG A 217 9.75 -10.36 16.72
N VAL A 218 9.95 -9.12 16.28
CA VAL A 218 10.99 -8.27 16.84
C VAL A 218 10.39 -7.23 17.78
N GLU A 219 10.86 -7.24 19.02
CA GLU A 219 10.29 -6.39 20.06
C GLU A 219 11.23 -5.21 20.35
N SER A 220 10.78 -4.02 19.99
CA SER A 220 11.54 -2.80 20.24
C SER A 220 10.61 -1.62 20.48
N ASP B 1 41.96 -18.02 -27.83
CA ASP B 1 40.60 -17.48 -27.58
C ASP B 1 40.63 -15.97 -27.72
N ILE B 2 39.53 -15.39 -28.19
CA ILE B 2 39.43 -13.95 -28.38
C ILE B 2 39.13 -13.28 -27.03
N GLN B 3 39.97 -12.31 -26.65
CA GLN B 3 39.79 -11.55 -25.41
C GLN B 3 39.06 -10.23 -25.65
N MET B 4 38.23 -9.84 -24.68
CA MET B 4 37.47 -8.59 -24.75
C MET B 4 37.91 -7.64 -23.64
N THR B 5 38.18 -6.40 -24.00
CA THR B 5 38.47 -5.35 -23.01
C THR B 5 37.32 -4.33 -22.99
N GLN B 6 36.48 -4.41 -21.96
CA GLN B 6 35.33 -3.52 -21.82
C GLN B 6 35.68 -2.36 -20.91
N SER B 7 35.21 -1.16 -21.27
CA SER B 7 35.57 0.06 -20.53
C SER B 7 34.42 1.08 -20.49
N PRO B 8 34.21 1.75 -19.34
CA PRO B 8 34.91 1.59 -18.07
C PRO B 8 34.25 0.50 -17.22
N SER B 9 34.88 0.08 -16.12
CA SER B 9 34.30 -0.94 -15.26
C SER B 9 33.09 -0.43 -14.47
N SER B 10 33.13 0.86 -14.13
CA SER B 10 32.04 1.49 -13.40
C SER B 10 31.82 2.90 -13.89
N LEU B 11 30.56 3.32 -13.85
CA LEU B 11 30.17 4.61 -14.37
C LEU B 11 29.05 5.18 -13.51
N SER B 12 29.25 6.41 -13.04
CA SER B 12 28.25 7.12 -12.27
C SER B 12 27.74 8.28 -13.12
N ALA B 13 26.44 8.27 -13.43
CA ALA B 13 25.86 9.29 -14.32
C ALA B 13 24.48 9.75 -13.84
N SER B 14 24.09 10.97 -14.25
CA SER B 14 22.79 11.54 -13.89
C SER B 14 21.69 11.08 -14.82
N VAL B 15 20.47 11.02 -14.30
CA VAL B 15 19.29 10.84 -15.15
C VAL B 15 19.30 11.97 -16.19
N GLY B 16 19.07 11.61 -17.46
CA GLY B 16 19.09 12.57 -18.57
C GLY B 16 20.45 12.77 -19.22
N ASP B 17 21.50 12.19 -18.65
CA ASP B 17 22.84 12.30 -19.23
C ASP B 17 23.05 11.27 -20.35
N ARG B 18 24.13 11.43 -21.09
CA ARG B 18 24.50 10.51 -22.16
C ARG B 18 25.79 9.79 -21.78
N VAL B 19 25.81 8.47 -21.96
CA VAL B 19 27.01 7.69 -21.68
C VAL B 19 27.38 6.78 -22.85
N THR B 20 28.68 6.50 -22.95
CA THR B 20 29.17 5.52 -23.92
C THR B 20 30.01 4.47 -23.21
N ILE B 21 29.85 3.22 -23.64
CA ILE B 21 30.65 2.11 -23.15
C ILE B 21 31.38 1.49 -24.36
N THR B 22 32.66 1.20 -24.20
CA THR B 22 33.47 0.67 -25.30
C THR B 22 33.91 -0.77 -25.01
N CYS B 23 33.98 -1.58 -26.06
CA CYS B 23 34.64 -2.90 -26.01
C CYS B 23 35.66 -3.00 -27.14
N GLN B 24 36.84 -3.50 -26.79
CA GLN B 24 37.84 -3.83 -27.80
C GLN B 24 38.09 -5.33 -27.84
N ALA B 25 38.06 -5.90 -29.04
CA ALA B 25 38.37 -7.31 -29.23
C ALA B 25 39.86 -7.48 -29.58
N SER B 26 40.46 -8.57 -29.12
CA SER B 26 41.88 -8.84 -29.36
C SER B 26 42.21 -9.20 -30.82
N GLN B 27 41.18 -9.45 -31.62
CA GLN B 27 41.33 -9.64 -33.06
C GLN B 27 40.02 -9.26 -33.72
N ASP B 28 40.05 -9.16 -35.05
CA ASP B 28 38.86 -8.76 -35.80
C ASP B 28 37.73 -9.73 -35.63
N ILE B 29 36.56 -9.21 -35.27
CA ILE B 29 35.38 -10.05 -35.08
C ILE B 29 34.23 -9.57 -35.96
N GLY B 30 34.54 -8.67 -36.90
CA GLY B 30 33.53 -8.17 -37.83
C GLY B 30 32.47 -7.35 -37.10
N ILE B 31 31.22 -7.78 -37.21
CA ILE B 31 30.10 -7.14 -36.51
C ILE B 31 29.50 -8.13 -35.51
N SER B 32 30.17 -9.25 -35.28
CA SER B 32 29.63 -10.33 -34.45
C SER B 32 29.84 -10.07 -32.95
N LEU B 33 29.26 -8.97 -32.50
CA LEU B 33 29.29 -8.53 -31.11
C LEU B 33 27.89 -8.10 -30.72
N SER B 34 27.50 -8.45 -29.50
CA SER B 34 26.20 -8.08 -28.97
C SER B 34 26.33 -7.46 -27.57
N TRP B 35 25.31 -6.72 -27.17
CA TRP B 35 25.31 -5.98 -25.90
C TRP B 35 24.17 -6.44 -25.01
N TYR B 36 24.50 -6.68 -23.75
CA TYR B 36 23.54 -7.20 -22.80
C TYR B 36 23.37 -6.28 -21.61
N GLN B 37 22.14 -6.20 -21.12
CA GLN B 37 21.82 -5.47 -19.90
C GLN B 37 21.40 -6.47 -18.82
N GLN B 38 21.97 -6.35 -17.63
CA GLN B 38 21.54 -7.22 -16.55
C GLN B 38 21.16 -6.45 -15.30
N LYS B 39 19.97 -6.75 -14.77
CA LYS B 39 19.50 -6.17 -13.50
C LYS B 39 19.72 -7.17 -12.38
N PRO B 40 19.85 -6.68 -11.13
CA PRO B 40 20.11 -7.60 -10.01
C PRO B 40 19.04 -8.68 -9.87
N GLY B 41 19.48 -9.93 -9.69
CA GLY B 41 18.60 -11.07 -9.53
C GLY B 41 17.95 -11.57 -10.81
N LYS B 42 18.35 -11.03 -11.95
CA LYS B 42 17.75 -11.41 -13.23
C LYS B 42 18.77 -11.92 -14.24
N ALA B 43 18.30 -12.73 -15.19
CA ALA B 43 19.10 -13.12 -16.35
C ALA B 43 19.39 -11.89 -17.23
N PRO B 44 20.54 -11.89 -17.94
CA PRO B 44 20.86 -10.77 -18.83
C PRO B 44 19.82 -10.62 -19.94
N LYS B 45 19.70 -9.40 -20.43
CA LYS B 45 18.76 -9.08 -21.50
C LYS B 45 19.51 -8.53 -22.72
N LEU B 46 19.19 -9.07 -23.89
CA LEU B 46 19.78 -8.61 -25.15
C LEU B 46 19.26 -7.23 -25.51
N LEU B 47 20.18 -6.29 -25.75
CA LEU B 47 19.82 -4.94 -26.17
C LEU B 47 20.12 -4.71 -27.65
N ILE B 48 21.36 -5.01 -28.03
CA ILE B 48 21.87 -4.78 -29.38
C ILE B 48 22.55 -6.07 -29.89
N TYR B 49 22.15 -6.54 -31.07
CA TYR B 49 22.80 -7.69 -31.70
C TYR B 49 23.50 -7.34 -33.02
N ASN B 50 24.56 -8.08 -33.33
CA ASN B 50 25.36 -7.82 -34.53
C ASN B 50 25.77 -6.36 -34.64
N ALA B 51 26.42 -5.88 -33.59
CA ALA B 51 27.00 -4.54 -33.51
C ALA B 51 26.02 -3.35 -33.37
N ASN B 52 24.92 -3.36 -34.14
CA ASN B 52 24.07 -2.16 -34.25
C ASN B 52 22.57 -2.38 -34.36
N ASN B 53 22.13 -3.62 -34.35
CA ASN B 53 20.70 -3.90 -34.47
C ASN B 53 20.03 -3.94 -33.11
N LEU B 54 19.02 -3.10 -32.91
CA LEU B 54 18.25 -3.08 -31.68
C LEU B 54 17.36 -4.30 -31.57
N ALA B 55 17.38 -4.94 -30.41
CA ALA B 55 16.49 -6.07 -30.12
C ALA B 55 15.04 -5.59 -30.01
N ASP B 56 14.09 -6.48 -30.26
CA ASP B 56 12.67 -6.16 -30.14
C ASP B 56 12.34 -5.42 -28.86
N GLY B 57 11.63 -4.31 -28.98
CA GLY B 57 11.11 -3.58 -27.83
C GLY B 57 12.14 -2.75 -27.09
N VAL B 58 13.38 -2.75 -27.57
CA VAL B 58 14.44 -1.96 -26.95
C VAL B 58 14.31 -0.51 -27.42
N PRO B 59 14.21 0.45 -26.46
CA PRO B 59 14.06 1.86 -26.75
C PRO B 59 15.21 2.39 -27.62
N SER B 60 14.91 3.35 -28.48
CA SER B 60 15.90 3.84 -29.45
C SER B 60 16.98 4.73 -28.86
N ARG B 61 16.88 5.05 -27.57
CA ARG B 61 17.99 5.75 -26.91
C ARG B 61 19.24 4.86 -26.83
N PHE B 62 19.04 3.55 -26.97
CA PHE B 62 20.16 2.60 -27.06
C PHE B 62 20.60 2.49 -28.50
N SER B 63 21.90 2.62 -28.74
CA SER B 63 22.43 2.42 -30.09
C SER B 63 23.82 1.81 -30.01
N GLY B 64 24.08 0.87 -30.93
CA GLY B 64 25.37 0.21 -31.01
C GLY B 64 26.14 0.69 -32.22
N SER B 65 27.45 0.73 -32.09
CA SER B 65 28.29 1.18 -33.17
C SER B 65 29.58 0.37 -33.26
N GLY B 66 30.12 0.27 -34.48
CA GLY B 66 31.45 -0.27 -34.65
C GLY B 66 31.52 -1.53 -35.48
N SER B 67 32.75 -1.89 -35.82
CA SER B 67 33.06 -3.01 -36.71
C SER B 67 34.54 -3.31 -36.55
N GLY B 68 34.93 -4.57 -36.71
CA GLY B 68 36.33 -4.94 -36.57
C GLY B 68 36.73 -5.27 -35.15
N THR B 69 37.44 -4.35 -34.49
CA THR B 69 37.91 -4.56 -33.12
C THR B 69 37.32 -3.61 -32.07
N ASP B 70 36.86 -2.44 -32.51
CA ASP B 70 36.40 -1.39 -31.59
C ASP B 70 34.90 -1.18 -31.69
N PHE B 71 34.22 -1.27 -30.55
CA PHE B 71 32.76 -1.20 -30.50
C PHE B 71 32.29 -0.27 -29.39
N THR B 72 31.13 0.36 -29.59
CA THR B 72 30.60 1.33 -28.64
C THR B 72 29.11 1.10 -28.43
N LEU B 73 28.70 1.11 -27.16
CA LEU B 73 27.29 1.21 -26.80
C LEU B 73 27.02 2.62 -26.29
N THR B 74 26.05 3.29 -26.91
CA THR B 74 25.69 4.64 -26.48
C THR B 74 24.29 4.62 -25.91
N ILE B 75 24.11 5.29 -24.78
CA ILE B 75 22.77 5.50 -24.24
C ILE B 75 22.55 7.00 -24.11
N SER B 76 21.55 7.50 -24.82
CA SER B 76 21.24 8.92 -24.73
C SER B 76 20.16 9.13 -23.68
N SER B 77 20.22 10.26 -23.00
CA SER B 77 19.22 10.64 -21.98
C SER B 77 18.82 9.46 -21.08
N LEU B 78 19.73 9.08 -20.18
CA LEU B 78 19.49 8.01 -19.23
C LEU B 78 18.17 8.17 -18.47
N GLN B 79 17.35 7.12 -18.49
CA GLN B 79 16.17 7.00 -17.64
C GLN B 79 16.49 6.09 -16.44
N PRO B 80 15.74 6.24 -15.31
CA PRO B 80 16.06 5.49 -14.08
C PRO B 80 16.16 3.99 -14.28
N GLU B 81 15.30 3.42 -15.13
CA GLU B 81 15.32 1.98 -15.39
C GLU B 81 16.55 1.50 -16.19
N ASP B 82 17.38 2.43 -16.68
CA ASP B 82 18.54 2.07 -17.52
C ASP B 82 19.78 1.81 -16.68
N PHE B 83 19.70 2.10 -15.39
CA PHE B 83 20.86 1.91 -14.55
C PHE B 83 20.98 0.45 -14.13
N ALA B 84 22.06 -0.17 -14.57
CA ALA B 84 22.24 -1.61 -14.49
C ALA B 84 23.69 -1.94 -14.84
N THR B 85 23.98 -3.24 -15.02
CA THR B 85 25.29 -3.67 -15.53
C THR B 85 25.19 -4.10 -17.00
N TYR B 86 26.12 -3.59 -17.79
CA TYR B 86 26.13 -3.83 -19.23
C TYR B 86 27.31 -4.71 -19.60
N TYR B 87 27.08 -5.65 -20.50
CA TYR B 87 28.14 -6.54 -20.99
C TYR B 87 28.13 -6.62 -22.52
N CYS B 88 29.31 -6.54 -23.12
CA CYS B 88 29.46 -6.97 -24.52
C CYS B 88 29.73 -8.47 -24.61
N LEU B 89 29.29 -9.07 -25.71
CA LEU B 89 29.56 -10.45 -26.01
C LEU B 89 30.19 -10.56 -27.41
N GLN B 90 31.38 -11.13 -27.47
CA GLN B 90 32.03 -11.58 -28.70
C GLN B 90 31.41 -12.90 -29.10
N HIS B 91 30.69 -12.93 -30.23
CA HIS B 91 30.11 -14.19 -30.70
C HIS B 91 30.50 -14.48 -32.16
N ASN B 92 31.72 -14.10 -32.50
CA ASN B 92 32.28 -14.40 -33.81
C ASN B 92 32.72 -15.86 -33.88
N SER B 93 33.56 -16.26 -32.92
CA SER B 93 34.15 -17.60 -32.89
C SER B 93 34.15 -18.18 -31.49
N ALA B 94 33.76 -19.45 -31.38
CA ALA B 94 33.77 -20.14 -30.10
C ALA B 94 35.21 -20.44 -29.64
N PRO B 95 35.47 -20.44 -28.31
CA PRO B 95 34.54 -20.05 -27.23
C PRO B 95 34.18 -18.57 -27.29
N TYR B 96 32.91 -18.25 -27.10
CA TYR B 96 32.47 -16.86 -27.02
C TYR B 96 32.98 -16.22 -25.73
N THR B 97 33.05 -14.89 -25.71
CA THR B 97 33.64 -14.14 -24.59
C THR B 97 32.80 -12.92 -24.22
N PHE B 98 32.48 -12.80 -22.94
CA PHE B 98 31.87 -11.57 -22.42
C PHE B 98 32.95 -10.62 -21.98
N GLY B 99 32.71 -9.32 -22.17
CA GLY B 99 33.52 -8.29 -21.51
C GLY B 99 33.32 -8.32 -20.00
N GLN B 100 34.18 -7.61 -19.29
CA GLN B 100 34.20 -7.58 -17.83
C GLN B 100 32.97 -6.92 -17.20
N GLY B 101 32.22 -6.17 -18.01
CA GLY B 101 31.00 -5.51 -17.54
C GLY B 101 31.20 -4.06 -17.14
N THR B 102 30.15 -3.26 -17.33
CA THR B 102 30.13 -1.89 -16.86
C THR B 102 28.93 -1.70 -15.94
N LYS B 103 29.22 -1.37 -14.68
CA LYS B 103 28.16 -1.08 -13.72
C LYS B 103 27.81 0.40 -13.75
N LEU B 104 26.60 0.69 -14.20
CA LEU B 104 26.15 2.06 -14.37
C LEU B 104 25.21 2.46 -13.22
N GLU B 105 25.63 3.44 -12.43
CA GLU B 105 24.85 3.86 -11.26
C GLU B 105 24.44 5.33 -11.30
N ILE B 106 23.32 5.64 -10.63
CA ILE B 106 22.75 7.00 -10.63
C ILE B 106 23.54 7.95 -9.74
N LYS B 107 23.87 9.12 -10.30
CA LYS B 107 24.44 10.21 -9.53
C LYS B 107 23.31 11.01 -8.88
N ARG B 108 23.40 11.22 -7.57
CA ARG B 108 22.42 12.05 -6.85
C ARG B 108 23.13 12.95 -5.85
N THR B 109 22.38 13.78 -5.15
CA THR B 109 22.96 14.65 -4.13
C THR B 109 23.41 13.83 -2.93
N VAL B 110 24.37 14.38 -2.21
CA VAL B 110 24.89 13.81 -0.98
C VAL B 110 23.79 13.63 0.06
N ALA B 111 23.75 12.44 0.67
CA ALA B 111 22.82 12.14 1.76
C ALA B 111 23.60 11.45 2.86
N ALA B 112 23.59 12.05 4.06
CA ALA B 112 24.25 11.47 5.21
C ALA B 112 23.47 10.24 5.67
N PRO B 113 24.18 9.21 6.17
CA PRO B 113 23.46 8.04 6.67
C PRO B 113 22.79 8.29 8.02
N SER B 114 21.65 7.65 8.25
CA SER B 114 21.15 7.45 9.61
C SER B 114 21.88 6.24 10.21
N VAL B 115 22.42 6.39 11.41
CA VAL B 115 23.22 5.34 12.05
C VAL B 115 22.49 4.72 13.25
N PHE B 116 22.48 3.39 13.32
CA PHE B 116 21.85 2.65 14.41
C PHE B 116 22.78 1.52 14.86
N ILE B 117 22.80 1.25 16.16
CA ILE B 117 23.57 0.14 16.72
C ILE B 117 22.63 -0.84 17.43
N PHE B 118 22.85 -2.14 17.22
CA PHE B 118 22.05 -3.17 17.85
C PHE B 118 22.96 -4.10 18.64
N PRO B 119 22.65 -4.31 19.93
CA PRO B 119 23.36 -5.32 20.72
C PRO B 119 22.92 -6.73 20.32
N PRO B 120 23.73 -7.75 20.69
CA PRO B 120 23.30 -9.12 20.48
C PRO B 120 22.05 -9.43 21.32
N SER B 121 21.20 -10.30 20.80
CA SER B 121 20.00 -10.73 21.51
C SER B 121 20.37 -11.69 22.64
N ASP B 122 19.51 -11.78 23.66
CA ASP B 122 19.69 -12.77 24.72
C ASP B 122 19.65 -14.19 24.15
N GLU B 123 18.81 -14.38 23.14
CA GLU B 123 18.69 -15.67 22.46
C GLU B 123 20.01 -16.10 21.83
N GLN B 124 20.70 -15.18 21.14
CA GLN B 124 21.99 -15.53 20.57
C GLN B 124 23.01 -15.79 21.68
N LEU B 125 23.01 -14.93 22.70
CA LEU B 125 23.96 -15.07 23.78
C LEU B 125 23.94 -16.45 24.45
N LYS B 126 22.75 -17.06 24.54
CA LYS B 126 22.64 -18.43 25.03
C LYS B 126 23.59 -19.41 24.33
N SER B 127 23.93 -19.13 23.07
CA SER B 127 24.72 -20.05 22.22
C SER B 127 26.23 -19.79 22.20
N GLY B 128 26.70 -18.82 22.97
CA GLY B 128 28.15 -18.60 23.10
C GLY B 128 28.78 -17.58 22.17
N THR B 129 27.97 -17.03 21.26
CA THR B 129 28.46 -15.99 20.33
C THR B 129 27.65 -14.70 20.48
N ALA B 130 28.33 -13.57 20.29
CA ALA B 130 27.71 -12.25 20.32
C ALA B 130 27.99 -11.49 19.01
N SER B 131 26.92 -11.16 18.29
CA SER B 131 27.02 -10.34 17.09
C SER B 131 26.51 -8.93 17.41
N VAL B 132 27.37 -7.95 17.22
CA VAL B 132 26.99 -6.54 17.41
C VAL B 132 26.88 -5.94 16.00
N VAL B 133 25.72 -5.35 15.70
CA VAL B 133 25.41 -4.88 14.35
C VAL B 133 25.27 -3.35 14.32
N CYS B 134 25.94 -2.72 13.35
CA CYS B 134 25.81 -1.29 13.08
C CYS B 134 25.20 -1.10 11.70
N LEU B 135 24.16 -0.27 11.63
CA LEU B 135 23.46 -0.02 10.37
C LEU B 135 23.68 1.42 9.92
N LEU B 136 24.07 1.61 8.67
CA LEU B 136 24.07 2.94 8.05
C LEU B 136 23.00 2.92 6.97
N ASN B 137 21.98 3.75 7.15
CA ASN B 137 20.77 3.68 6.37
C ASN B 137 20.69 4.84 5.37
N ASN B 138 20.52 4.50 4.09
CA ASN B 138 20.18 5.47 3.03
C ASN B 138 21.14 6.64 2.87
N PHE B 139 22.37 6.35 2.48
CA PHE B 139 23.35 7.39 2.25
C PHE B 139 23.84 7.44 0.79
N TYR B 140 24.44 8.57 0.43
CA TYR B 140 25.08 8.74 -0.87
C TYR B 140 26.22 9.75 -0.71
N PRO B 141 27.40 9.49 -1.30
CA PRO B 141 27.83 8.34 -2.11
C PRO B 141 28.10 7.07 -1.29
N ARG B 142 28.39 5.98 -2.01
CA ARG B 142 28.60 4.65 -1.42
CA ARG B 142 28.58 4.66 -1.40
C ARG B 142 29.73 4.61 -0.41
N GLU B 143 30.74 5.43 -0.63
CA GLU B 143 31.95 5.44 0.22
C GLU B 143 31.67 5.86 1.66
N ALA B 144 31.99 4.96 2.59
CA ALA B 144 31.74 5.16 4.01
C ALA B 144 32.71 4.31 4.80
N LYS B 145 33.17 4.84 5.92
CA LYS B 145 34.04 4.10 6.83
C LYS B 145 33.33 3.85 8.14
N VAL B 146 33.31 2.58 8.55
CA VAL B 146 32.79 2.17 9.83
C VAL B 146 33.96 1.65 10.67
N GLN B 147 34.17 2.21 11.85
CA GLN B 147 35.09 1.56 12.78
C GLN B 147 34.49 1.26 14.15
N TRP B 148 34.77 0.05 14.63
CA TRP B 148 34.28 -0.44 15.90
C TRP B 148 35.22 -0.10 17.04
N LYS B 149 34.63 0.23 18.19
CA LYS B 149 35.39 0.47 19.41
C LYS B 149 34.70 -0.22 20.58
N VAL B 150 35.46 -1.03 21.31
CA VAL B 150 34.99 -1.70 22.51
C VAL B 150 35.76 -1.09 23.69
N ASP B 151 35.02 -0.54 24.65
CA ASP B 151 35.60 0.24 25.76
C ASP B 151 36.71 1.18 25.27
N ASN B 152 36.45 1.78 24.12
CA ASN B 152 37.33 2.78 23.51
C ASN B 152 38.53 2.21 22.76
N ALA B 153 38.61 0.89 22.67
CA ALA B 153 39.68 0.22 21.92
C ALA B 153 39.24 -0.11 20.50
N LEU B 154 39.99 0.42 19.53
CA LEU B 154 39.76 0.18 18.11
C LEU B 154 39.85 -1.31 17.78
N GLN B 155 38.84 -1.82 17.08
CA GLN B 155 38.80 -3.23 16.70
C GLN B 155 39.35 -3.43 15.30
N SER B 156 39.96 -4.59 15.07
CA SER B 156 40.49 -4.97 13.76
C SER B 156 40.34 -6.47 13.54
N GLY B 157 39.94 -6.85 12.34
CA GLY B 157 39.86 -8.25 11.96
C GLY B 157 38.67 -9.04 12.45
N ASN B 158 37.82 -8.42 13.28
CA ASN B 158 36.64 -9.12 13.84
C ASN B 158 35.28 -8.58 13.39
N SER B 159 35.26 -7.91 12.24
CA SER B 159 34.03 -7.41 11.66
C SER B 159 33.91 -7.71 10.15
N GLN B 160 32.68 -7.85 9.68
CA GLN B 160 32.40 -7.96 8.26
C GLN B 160 31.32 -6.96 7.84
N GLU B 161 31.40 -6.54 6.58
CA GLU B 161 30.53 -5.51 6.01
C GLU B 161 29.79 -6.02 4.80
N SER B 162 28.62 -5.43 4.58
CA SER B 162 27.78 -5.75 3.44
C SER B 162 27.06 -4.46 3.03
N VAL B 163 26.99 -4.19 1.72
CA VAL B 163 26.36 -2.98 1.20
C VAL B 163 25.29 -3.36 0.19
N THR B 164 24.12 -2.72 0.26
CA THR B 164 23.03 -3.02 -0.68
C THR B 164 23.34 -2.43 -2.06
N GLU B 165 22.62 -2.90 -3.07
CA GLU B 165 22.58 -2.24 -4.36
C GLU B 165 21.85 -0.92 -4.22
N GLN B 166 22.20 0.04 -5.09
CA GLN B 166 21.58 1.36 -5.07
C GLN B 166 20.05 1.24 -5.06
N ASP B 167 19.41 1.98 -4.17
CA ASP B 167 17.96 1.89 -4.00
C ASP B 167 17.21 2.38 -5.25
N SER B 168 16.22 1.62 -5.70
CA SER B 168 15.52 1.92 -6.95
C SER B 168 14.61 3.15 -6.86
N LYS B 169 14.29 3.59 -5.64
CA LYS B 169 13.46 4.77 -5.48
C LYS B 169 14.25 6.04 -5.14
N ASP B 170 15.15 5.96 -4.17
CA ASP B 170 15.89 7.15 -3.73
C ASP B 170 17.39 7.19 -4.07
N SER B 171 17.88 6.14 -4.74
CA SER B 171 19.27 6.10 -5.24
C SER B 171 20.36 6.14 -4.18
N THR B 172 20.01 5.70 -2.96
CA THR B 172 20.97 5.67 -1.86
C THR B 172 21.50 4.25 -1.65
N TYR B 173 22.49 4.14 -0.76
CA TYR B 173 23.02 2.86 -0.32
C TYR B 173 22.78 2.69 1.18
N SER B 174 22.78 1.44 1.61
CA SER B 174 22.79 1.12 3.02
C SER B 174 23.88 0.10 3.31
N LEU B 175 24.48 0.20 4.49
CA LEU B 175 25.58 -0.66 4.86
C LEU B 175 25.29 -1.29 6.23
N SER B 176 25.61 -2.56 6.34
CA SER B 176 25.48 -3.31 7.57
C SER B 176 26.85 -3.85 7.95
N SER B 177 27.32 -3.49 9.13
CA SER B 177 28.58 -3.99 9.70
C SER B 177 28.32 -4.84 10.95
N THR B 178 28.84 -6.07 10.94
CA THR B 178 28.71 -6.97 12.08
C THR B 178 30.06 -7.21 12.77
N LEU B 179 30.12 -6.87 14.05
CA LEU B 179 31.23 -7.22 14.92
C LEU B 179 30.93 -8.55 15.63
N THR B 180 31.84 -9.51 15.53
CA THR B 180 31.63 -10.84 16.09
C THR B 180 32.62 -11.14 17.22
N LEU B 181 32.07 -11.50 18.37
CA LEU B 181 32.87 -11.83 19.55
C LEU B 181 32.31 -13.08 20.20
N SER B 182 33.15 -13.81 20.92
CA SER B 182 32.67 -14.87 21.80
C SER B 182 31.86 -14.25 22.93
N LYS B 183 30.90 -14.99 23.46
CA LYS B 183 30.14 -14.52 24.62
C LYS B 183 31.07 -14.03 25.74
N ALA B 184 32.15 -14.78 25.97
CA ALA B 184 33.11 -14.47 27.04
C ALA B 184 33.79 -13.12 26.86
N ASP B 185 34.27 -12.84 25.64
CA ASP B 185 34.88 -11.54 25.35
C ASP B 185 33.85 -10.41 25.42
N TYR B 186 32.62 -10.69 24.99
CA TYR B 186 31.54 -9.71 25.00
C TYR B 186 31.25 -9.23 26.43
N GLU B 187 31.17 -10.19 27.35
CA GLU B 187 30.87 -9.92 28.76
C GLU B 187 32.00 -9.22 29.50
N LYS B 188 33.22 -9.31 28.99
CA LYS B 188 34.38 -8.66 29.61
C LYS B 188 34.36 -7.14 29.45
N HIS B 189 33.40 -6.63 28.67
CA HIS B 189 33.41 -5.23 28.29
C HIS B 189 32.07 -4.53 28.45
N LYS B 190 32.12 -3.21 28.49
CA LYS B 190 30.95 -2.39 28.76
C LYS B 190 30.45 -1.61 27.54
N VAL B 191 31.30 -0.74 26.99
CA VAL B 191 30.88 0.22 25.96
C VAL B 191 31.17 -0.29 24.54
N TYR B 192 30.09 -0.45 23.76
CA TYR B 192 30.20 -0.89 22.38
C TYR B 192 29.77 0.25 21.48
N ALA B 193 30.67 0.62 20.55
CA ALA B 193 30.47 1.81 19.73
C ALA B 193 30.86 1.58 18.28
N CYS B 194 30.08 2.20 17.40
CA CYS B 194 30.34 2.21 15.97
CA CYS B 194 30.43 2.24 15.99
C CYS B 194 30.50 3.68 15.51
N GLU B 195 31.66 4.01 14.95
CA GLU B 195 31.96 5.35 14.48
C GLU B 195 31.90 5.40 12.96
N VAL B 196 31.14 6.34 12.44
CA VAL B 196 30.85 6.41 11.02
C VAL B 196 31.43 7.69 10.43
N THR B 197 32.20 7.53 9.35
CA THR B 197 32.74 8.66 8.61
C THR B 197 32.13 8.62 7.22
N HIS B 198 31.59 9.75 6.79
CA HIS B 198 30.94 9.88 5.48
C HIS B 198 30.96 11.32 5.03
N GLN B 199 31.02 11.52 3.71
CA GLN B 199 31.06 12.85 3.11
C GLN B 199 29.91 13.74 3.57
N GLY B 200 28.75 13.15 3.80
CA GLY B 200 27.58 13.87 4.29
C GLY B 200 27.65 14.32 5.74
N LEU B 201 28.67 13.87 6.45
CA LEU B 201 28.82 14.21 7.87
C LEU B 201 30.01 15.15 8.05
N SER B 202 29.75 16.28 8.72
CA SER B 202 30.81 17.27 8.96
C SER B 202 31.87 16.73 9.91
N SER B 203 31.43 15.94 10.90
CA SER B 203 32.33 15.19 11.77
C SER B 203 31.79 13.77 11.98
N PRO B 204 32.66 12.81 12.31
CA PRO B 204 32.23 11.41 12.48
C PRO B 204 31.12 11.26 13.52
N VAL B 205 30.16 10.37 13.24
CA VAL B 205 29.05 10.13 14.15
C VAL B 205 29.25 8.79 14.84
N THR B 206 29.18 8.80 16.16
CA THR B 206 29.31 7.57 16.97
C THR B 206 27.97 7.15 17.57
N LYS B 207 27.60 5.89 17.38
CA LYS B 207 26.48 5.30 18.10
C LYS B 207 26.98 4.21 19.02
N SER B 208 26.54 4.24 20.27
CA SER B 208 26.98 3.26 21.25
C SER B 208 25.88 2.79 22.19
N PHE B 209 26.16 1.71 22.90
CA PHE B 209 25.36 1.24 24.03
C PHE B 209 26.26 0.71 25.15
N ASN B 210 25.70 0.60 26.35
CA ASN B 210 26.36 -0.06 27.48
C ASN B 210 25.76 -1.43 27.72
N ARG B 211 26.60 -2.45 27.69
CA ARG B 211 26.17 -3.85 27.77
C ARG B 211 25.13 -4.18 28.86
N GLY B 212 25.31 -3.62 30.05
CA GLY B 212 24.44 -3.91 31.17
C GLY B 212 23.10 -3.19 31.19
N GLU B 213 22.91 -2.26 30.24
CA GLU B 213 21.70 -1.45 30.17
C GLU B 213 20.68 -1.97 29.17
N CYS B 214 21.03 -3.05 28.47
CA CYS B 214 20.15 -3.64 27.48
C CYS B 214 19.32 -4.74 28.11
N PRO C 1 -90.10 -0.13 23.50
CA PRO C 1 -90.96 -0.51 24.61
C PRO C 1 -91.09 0.60 25.66
N HIS C 2 -92.33 0.95 26.00
CA HIS C 2 -92.61 1.94 27.06
C HIS C 2 -92.24 1.39 28.45
N ARG C 3 -91.99 2.30 29.40
CA ARG C 3 -91.82 1.94 30.81
C ARG C 3 -91.99 3.14 31.75
N GLN C 4 -92.17 2.86 33.04
CA GLN C 4 -92.31 3.88 34.07
C GLN C 4 -90.99 4.67 34.21
N PRO C 5 -91.08 5.93 34.70
CA PRO C 5 -89.87 6.68 34.98
C PRO C 5 -88.89 5.89 35.86
N LEU C 6 -87.59 6.03 35.57
CA LEU C 6 -86.54 5.47 36.40
C LEU C 6 -86.41 6.28 37.67
N THR C 7 -86.11 5.61 38.78
CA THR C 7 -85.78 6.31 40.02
C THR C 7 -84.38 6.95 39.90
N SER C 8 -84.03 7.81 40.84
CA SER C 8 -82.70 8.41 40.90
C SER C 8 -81.62 7.31 40.85
N SER C 9 -81.71 6.36 41.76
CA SER C 9 -80.76 5.26 41.85
C SER C 9 -80.69 4.43 40.59
N GLU C 10 -81.84 4.24 39.94
CA GLU C 10 -81.88 3.44 38.72
C GLU C 10 -81.17 4.12 37.56
N ARG C 11 -81.33 5.44 37.42
CA ARG C 11 -80.64 6.10 36.35
C ARG C 11 -79.13 6.22 36.59
N ILE C 12 -78.73 6.35 37.85
CA ILE C 12 -77.32 6.26 38.25
C ILE C 12 -76.76 4.88 37.85
N ASP C 13 -77.45 3.82 38.26
CA ASP C 13 -77.08 2.45 37.92
C ASP C 13 -76.92 2.29 36.41
N LYS C 14 -77.90 2.79 35.65
CA LYS C 14 -77.87 2.69 34.19
C LYS C 14 -76.71 3.50 33.59
N GLN C 15 -76.44 4.65 34.18
CA GLN C 15 -75.38 5.54 33.71
C GLN C 15 -74.03 4.84 33.86
N ILE C 16 -73.75 4.30 35.04
CA ILE C 16 -72.51 3.55 35.27
C ILE C 16 -72.32 2.42 34.26
N ARG C 17 -73.39 1.65 34.00
CA ARG C 17 -73.33 0.55 33.04
C ARG C 17 -73.07 1.03 31.63
N TYR C 18 -73.64 2.18 31.28
CA TYR C 18 -73.40 2.78 29.98
C TYR C 18 -71.91 3.14 29.82
N ILE C 19 -71.32 3.75 30.83
CA ILE C 19 -69.89 4.11 30.80
C ILE C 19 -69.01 2.86 30.70
N LEU C 20 -69.32 1.85 31.52
CA LEU C 20 -68.59 0.56 31.51
C LEU C 20 -68.61 -0.08 30.13
N ASP C 21 -69.74 -0.01 29.44
CA ASP C 21 -69.84 -0.50 28.06
C ASP C 21 -68.90 0.27 27.12
N GLY C 22 -68.79 1.57 27.35
CA GLY C 22 -67.93 2.42 26.55
C GLY C 22 -66.47 2.13 26.81
N ILE C 23 -66.10 2.02 28.09
CA ILE C 23 -64.73 1.66 28.47
C ILE C 23 -64.32 0.32 27.85
N SER C 24 -65.24 -0.64 27.86
CA SER C 24 -65.01 -1.95 27.26
C SER C 24 -64.71 -1.84 25.76
N ALA C 25 -65.47 -1.01 25.06
CA ALA C 25 -65.23 -0.71 23.64
C ALA C 25 -63.86 -0.06 23.43
N LEU C 26 -63.48 0.85 24.32
CA LEU C 26 -62.18 1.50 24.27
C LEU C 26 -61.05 0.49 24.52
N ARG C 27 -61.20 -0.31 25.58
CA ARG C 27 -60.23 -1.35 25.92
C ARG C 27 -60.02 -2.32 24.75
N LYS C 28 -61.11 -2.72 24.10
CA LYS C 28 -61.05 -3.62 22.94
C LYS C 28 -60.20 -3.05 21.78
N GLU C 29 -60.25 -1.74 21.59
CA GLU C 29 -59.42 -1.10 20.56
C GLU C 29 -57.96 -1.00 20.99
N THR C 30 -57.72 -0.59 22.24
CA THR C 30 -56.36 -0.47 22.80
C THR C 30 -55.58 -1.79 22.75
N CYS C 31 -56.23 -2.88 23.15
CA CYS C 31 -55.57 -4.17 23.31
C CYS C 31 -55.46 -5.00 22.03
N ASN C 32 -56.08 -4.51 20.95
CA ASN C 32 -55.93 -5.15 19.63
C ASN C 32 -54.81 -4.55 18.78
N LYS C 33 -54.34 -3.37 19.17
CA LYS C 33 -53.30 -2.67 18.42
C LYS C 33 -52.00 -2.50 19.22
N SER C 34 -50.91 -2.34 18.47
CA SER C 34 -49.59 -1.95 18.99
C SER C 34 -49.06 -2.79 20.17
N ASN C 35 -49.33 -2.34 21.39
CA ASN C 35 -48.82 -2.99 22.61
C ASN C 35 -49.47 -4.33 22.91
N MET C 36 -50.71 -4.47 22.45
CA MET C 36 -51.54 -5.64 22.75
C MET C 36 -51.85 -5.77 24.26
N CYS C 37 -51.67 -4.66 24.98
CA CYS C 37 -51.91 -4.57 26.43
C CYS C 37 -51.03 -5.48 27.30
N GLU C 38 -49.82 -5.77 26.81
CA GLU C 38 -48.81 -6.52 27.56
C GLU C 38 -48.29 -5.65 28.72
N SER C 39 -48.64 -6.03 29.94
CA SER C 39 -48.55 -5.10 31.08
C SER C 39 -47.38 -5.29 32.04
N SER C 40 -46.39 -6.07 31.63
CA SER C 40 -45.28 -6.44 32.51
C SER C 40 -44.48 -5.24 33.04
N LYS C 41 -44.27 -4.24 32.19
CA LYS C 41 -43.51 -3.05 32.59
C LYS C 41 -44.39 -1.83 32.94
N GLU C 42 -45.69 -2.07 33.13
CA GLU C 42 -46.66 -0.98 33.35
C GLU C 42 -46.38 -0.08 34.55
N ALA C 43 -45.70 -0.62 35.56
CA ALA C 43 -45.33 0.16 36.75
C ALA C 43 -44.51 1.42 36.42
N LEU C 44 -43.83 1.42 35.27
CA LEU C 44 -43.11 2.61 34.80
C LEU C 44 -44.07 3.75 34.45
N ALA C 45 -45.18 3.43 33.79
CA ALA C 45 -46.21 4.40 33.47
C ALA C 45 -46.99 4.83 34.72
N GLU C 46 -47.16 3.89 35.66
CA GLU C 46 -47.87 4.11 36.94
C GLU C 46 -47.29 5.23 37.79
N ASN C 47 -45.98 5.38 37.74
CA ASN C 47 -45.26 6.38 38.53
C ASN C 47 -45.82 7.80 38.42
N ASN C 48 -46.21 8.18 37.20
CA ASN C 48 -46.81 9.49 36.92
C ASN C 48 -48.26 9.65 37.40
N LEU C 49 -48.90 8.55 37.78
CA LEU C 49 -50.35 8.54 37.95
C LEU C 49 -50.84 8.36 39.37
N ASN C 50 -51.82 9.18 39.75
CA ASN C 50 -52.52 9.00 41.02
CA ASN C 50 -52.52 9.01 41.01
C ASN C 50 -53.96 8.58 40.74
N LEU C 51 -54.11 7.37 40.21
CA LEU C 51 -55.42 6.84 39.85
C LEU C 51 -56.21 6.43 41.10
N PRO C 52 -57.42 7.00 41.26
CA PRO C 52 -58.21 6.70 42.45
C PRO C 52 -58.61 5.22 42.50
N LYS C 53 -58.71 4.69 43.72
CA LYS C 53 -59.10 3.31 43.92
C LYS C 53 -59.81 3.19 45.25
N MET C 54 -60.62 2.14 45.40
CA MET C 54 -61.33 1.89 46.65
C MET C 54 -60.41 1.26 47.69
N ALA C 55 -60.55 1.73 48.92
CA ALA C 55 -59.93 1.12 50.08
C ALA C 55 -61.02 0.85 51.11
N GLU C 56 -60.74 -0.04 52.06
CA GLU C 56 -61.69 -0.41 53.10
C GLU C 56 -62.24 0.80 53.86
N LYS C 57 -61.34 1.72 54.23
CA LYS C 57 -61.68 2.93 54.97
C LYS C 57 -62.73 3.81 54.27
N ASP C 58 -62.90 3.62 52.96
CA ASP C 58 -63.85 4.45 52.20
C ASP C 58 -65.31 4.07 52.45
N GLY C 59 -65.53 2.88 53.03
CA GLY C 59 -66.85 2.44 53.40
C GLY C 59 -67.70 1.99 52.22
N CYS C 60 -67.06 1.61 51.12
CA CYS C 60 -67.79 1.18 49.92
C CYS C 60 -67.95 -0.34 49.80
N PHE C 61 -67.24 -1.10 50.63
CA PHE C 61 -67.40 -2.55 50.64
C PHE C 61 -68.45 -2.94 51.68
N GLN C 62 -69.10 -4.08 51.46
CA GLN C 62 -70.18 -4.55 52.34
C GLN C 62 -69.75 -4.59 53.80
N SER C 63 -68.56 -5.12 54.05
CA SER C 63 -67.99 -5.08 55.40
C SER C 63 -67.43 -3.68 55.63
N GLY C 64 -67.88 -3.04 56.71
CA GLY C 64 -67.52 -1.66 57.01
C GLY C 64 -68.28 -0.62 56.19
N PHE C 65 -69.39 -1.05 55.57
CA PHE C 65 -70.16 -0.15 54.69
C PHE C 65 -70.60 1.12 55.41
N ASN C 66 -70.35 2.25 54.77
CA ASN C 66 -70.75 3.55 55.29
C ASN C 66 -71.21 4.42 54.12
N GLU C 67 -72.52 4.61 54.03
CA GLU C 67 -73.17 5.33 52.93
C GLU C 67 -72.56 6.71 52.66
N GLU C 68 -72.45 7.54 53.69
CA GLU C 68 -71.95 8.91 53.54
C GLU C 68 -70.50 8.98 53.05
N THR C 69 -69.61 8.27 53.74
CA THR C 69 -68.20 8.21 53.37
C THR C 69 -68.02 7.65 51.95
N CYS C 70 -68.78 6.62 51.63
CA CYS C 70 -68.67 5.98 50.33
C CYS C 70 -69.07 6.91 49.18
N LEU C 71 -70.21 7.58 49.32
CA LEU C 71 -70.67 8.53 48.31
C LEU C 71 -69.67 9.67 48.08
N VAL C 72 -69.10 10.21 49.15
CA VAL C 72 -68.06 11.23 49.05
C VAL C 72 -66.86 10.70 48.25
N LYS C 73 -66.43 9.49 48.59
CA LYS C 73 -65.33 8.82 47.88
C LYS C 73 -65.65 8.65 46.41
N ILE C 74 -66.84 8.19 46.09
CA ILE C 74 -67.21 7.99 44.69
C ILE C 74 -67.13 9.31 43.90
N ILE C 75 -67.67 10.39 44.47
CA ILE C 75 -67.70 11.68 43.77
C ILE C 75 -66.29 12.24 43.62
N THR C 76 -65.53 12.25 44.72
CA THR C 76 -64.15 12.74 44.74
C THR C 76 -63.31 12.00 43.70
N GLY C 77 -63.43 10.67 43.71
CA GLY C 77 -62.71 9.83 42.77
C GLY C 77 -63.06 10.11 41.33
N LEU C 78 -64.36 10.26 41.05
CA LEU C 78 -64.80 10.56 39.69
C LEU C 78 -64.29 11.92 39.22
N LEU C 79 -64.32 12.92 40.09
CA LEU C 79 -63.78 14.25 39.79
C LEU C 79 -62.28 14.17 39.48
N GLU C 80 -61.55 13.38 40.26
CA GLU C 80 -60.13 13.13 40.03
C GLU C 80 -59.84 12.43 38.71
N PHE C 81 -60.75 11.54 38.29
CA PHE C 81 -60.58 10.77 37.05
C PHE C 81 -60.73 11.60 35.79
N GLU C 82 -61.37 12.76 35.92
CA GLU C 82 -61.72 13.56 34.75
C GLU C 82 -60.55 14.00 33.88
N VAL C 83 -59.46 14.44 34.48
CA VAL C 83 -58.25 14.80 33.72
C VAL C 83 -57.77 13.63 32.85
N TYR C 84 -57.84 12.42 33.41
CA TYR C 84 -57.43 11.21 32.70
C TYR C 84 -58.33 10.86 31.53
N LEU C 85 -59.64 11.10 31.70
CA LEU C 85 -60.58 10.96 30.60
C LEU C 85 -60.37 12.00 29.50
N GLU C 86 -59.92 13.19 29.88
CA GLU C 86 -59.54 14.20 28.88
C GLU C 86 -58.30 13.73 28.13
N TYR C 87 -57.33 13.18 28.86
CA TYR C 87 -56.17 12.54 28.23
C TYR C 87 -56.56 11.52 27.17
N LEU C 88 -57.60 10.73 27.45
CA LEU C 88 -58.02 9.66 26.53
C LEU C 88 -58.56 10.16 25.20
N GLN C 89 -59.07 11.38 25.18
CA GLN C 89 -59.75 11.93 23.99
C GLN C 89 -58.91 11.89 22.70
N ASN C 90 -57.62 12.15 22.79
CA ASN C 90 -56.80 12.13 21.59
C ASN C 90 -56.29 10.74 21.21
N ARG C 91 -56.30 9.82 22.17
CA ARG C 91 -55.74 8.49 22.00
C ARG C 91 -56.59 7.53 21.13
N PHE C 92 -57.81 7.93 20.76
CA PHE C 92 -58.68 7.05 19.98
C PHE C 92 -59.13 7.68 18.67
N GLU C 93 -58.45 7.27 17.59
CA GLU C 93 -58.67 7.84 16.26
C GLU C 93 -60.05 7.48 15.72
N SER C 94 -60.27 6.19 15.44
CA SER C 94 -61.59 5.74 14.97
C SER C 94 -62.66 5.97 16.04
N SER C 95 -62.47 5.36 17.21
CA SER C 95 -63.45 5.39 18.31
C SER C 95 -63.62 6.76 18.98
N GLU C 96 -63.50 7.83 18.21
CA GLU C 96 -63.65 9.19 18.72
C GLU C 96 -64.99 9.38 19.44
N GLU C 97 -66.08 8.95 18.79
CA GLU C 97 -67.44 9.08 19.34
C GLU C 97 -67.56 8.35 20.68
N GLN C 98 -66.99 7.16 20.74
CA GLN C 98 -67.00 6.35 21.94
C GLN C 98 -66.22 6.99 23.12
N ALA C 99 -65.05 7.55 22.83
CA ALA C 99 -64.24 8.26 23.82
C ALA C 99 -64.93 9.52 24.39
N ARG C 100 -65.55 10.31 23.50
CA ARG C 100 -66.32 11.49 23.92
C ARG C 100 -67.52 11.08 24.77
N ALA C 101 -68.15 9.97 24.38
CA ALA C 101 -69.31 9.44 25.11
C ALA C 101 -68.94 9.07 26.54
N VAL C 102 -67.80 8.40 26.73
CA VAL C 102 -67.32 8.04 28.06
C VAL C 102 -67.09 9.29 28.92
N GLN C 103 -66.47 10.30 28.33
CA GLN C 103 -66.15 11.53 29.06
C GLN C 103 -67.43 12.30 29.43
N MET C 104 -68.31 12.45 28.44
CA MET C 104 -69.60 13.11 28.62
C MET C 104 -70.47 12.41 29.69
N SER C 105 -70.63 11.09 29.58
CA SER C 105 -71.49 10.35 30.51
C SER C 105 -71.01 10.38 31.95
N THR C 106 -69.69 10.44 32.12
CA THR C 106 -69.11 10.55 33.46
C THR C 106 -69.48 11.88 34.11
N LYS C 107 -69.42 12.96 33.33
CA LYS C 107 -69.85 14.28 33.82
C LYS C 107 -71.32 14.29 34.24
N VAL C 108 -72.17 13.65 33.43
CA VAL C 108 -73.59 13.50 33.77
C VAL C 108 -73.76 12.70 35.08
N LEU C 109 -73.02 11.61 35.23
CA LEU C 109 -73.04 10.81 36.45
C LEU C 109 -72.61 11.64 37.65
N ILE C 110 -71.55 12.42 37.49
CA ILE C 110 -71.08 13.25 38.59
C ILE C 110 -72.22 14.15 39.09
N GLN C 111 -72.95 14.76 38.17
CA GLN C 111 -74.08 15.62 38.54
C GLN C 111 -75.20 14.80 39.20
N PHE C 112 -75.51 13.61 38.68
CA PHE C 112 -76.46 12.72 39.37
C PHE C 112 -76.09 12.54 40.83
N LEU C 113 -74.82 12.22 41.07
CA LEU C 113 -74.36 11.87 42.42
C LEU C 113 -74.25 13.07 43.35
N GLN C 114 -73.96 14.24 42.79
CA GLN C 114 -73.94 15.42 43.63
C GLN C 114 -75.35 15.86 44.04
N LYS C 115 -76.35 15.55 43.21
CA LYS C 115 -77.75 15.72 43.61
C LYS C 115 -78.06 14.76 44.77
N LYS C 116 -77.63 13.50 44.63
CA LYS C 116 -77.77 12.51 45.70
C LYS C 116 -77.08 12.95 46.99
N ALA C 117 -75.93 13.60 46.86
CA ALA C 117 -75.18 14.07 48.02
C ALA C 117 -75.66 15.44 48.54
N LYS C 118 -76.75 15.95 47.97
CA LYS C 118 -77.41 17.21 48.40
C LYS C 118 -77.03 17.71 49.79
N ASN C 119 -77.35 16.90 50.80
CA ASN C 119 -77.31 17.31 52.20
C ASN C 119 -75.95 17.15 52.88
N LEU C 120 -74.98 16.62 52.14
CA LEU C 120 -73.63 16.43 52.67
C LEU C 120 -72.78 17.68 52.42
N ASP C 121 -71.60 17.71 53.04
CA ASP C 121 -70.66 18.82 52.89
C ASP C 121 -70.13 18.96 51.47
N ALA C 122 -69.66 20.16 51.13
CA ALA C 122 -69.03 20.42 49.85
C ALA C 122 -67.79 19.52 49.68
N ILE C 123 -67.66 18.94 48.50
CA ILE C 123 -66.59 17.97 48.21
C ILE C 123 -65.31 18.65 47.71
N THR C 124 -64.17 18.10 48.11
CA THR C 124 -62.86 18.63 47.68
C THR C 124 -62.59 18.43 46.18
N THR C 125 -62.46 19.57 45.48
CA THR C 125 -62.23 19.63 44.05
C THR C 125 -60.71 19.60 43.75
N PRO C 126 -60.29 18.75 42.78
CA PRO C 126 -58.89 18.70 42.35
C PRO C 126 -58.41 20.05 41.78
N ASP C 127 -57.11 20.33 41.91
CA ASP C 127 -56.55 21.58 41.41
C ASP C 127 -56.43 21.61 39.88
N PRO C 128 -57.05 22.60 39.23
CA PRO C 128 -57.01 22.76 37.77
C PRO C 128 -55.59 22.93 37.20
N THR C 129 -54.74 23.67 37.91
CA THR C 129 -53.36 23.91 37.51
C THR C 129 -52.55 22.62 37.57
N THR C 130 -52.64 21.92 38.69
CA THR C 130 -52.05 20.59 38.84
C THR C 130 -52.53 19.66 37.72
N ASN C 131 -53.82 19.75 37.40
CA ASN C 131 -54.42 18.93 36.32
C ASN C 131 -53.92 19.27 34.92
N ALA C 132 -53.78 20.56 34.63
CA ALA C 132 -53.26 20.98 33.33
C ALA C 132 -51.81 20.52 33.14
N SER C 133 -50.98 20.67 34.18
CA SER C 133 -49.57 20.24 34.16
C SER C 133 -49.46 18.75 33.94
N LEU C 134 -50.26 17.99 34.68
CA LEU C 134 -50.31 16.54 34.56
C LEU C 134 -50.64 16.10 33.13
N LEU C 135 -51.64 16.74 32.54
CA LEU C 135 -52.10 16.38 31.21
C LEU C 135 -50.99 16.61 30.17
N THR C 136 -50.37 17.78 30.24
CA THR C 136 -49.19 18.13 29.45
C THR C 136 -48.11 17.06 29.58
N LYS C 137 -47.79 16.71 30.83
CA LYS C 137 -46.78 15.70 31.17
C LYS C 137 -47.06 14.37 30.47
N LEU C 138 -48.31 13.90 30.53
CA LEU C 138 -48.69 12.62 29.96
C LEU C 138 -48.58 12.62 28.44
N GLN C 139 -48.96 13.74 27.84
CA GLN C 139 -48.97 13.87 26.39
C GLN C 139 -47.57 13.99 25.77
N ALA C 140 -46.59 14.43 26.56
CA ALA C 140 -45.21 14.55 26.09
C ALA C 140 -44.48 13.19 25.94
N GLN C 141 -45.00 12.17 26.61
CA GLN C 141 -44.36 10.84 26.66
C GLN C 141 -44.28 10.14 25.31
N ASN C 142 -43.31 9.23 25.19
CA ASN C 142 -43.16 8.41 23.98
C ASN C 142 -44.35 7.47 23.80
N GLN C 143 -44.48 6.90 22.60
CA GLN C 143 -45.66 6.10 22.23
C GLN C 143 -45.90 4.90 23.16
N TRP C 144 -44.83 4.20 23.51
CA TRP C 144 -44.91 3.05 24.39
C TRP C 144 -45.49 3.41 25.75
N LEU C 145 -44.94 4.44 26.37
CA LEU C 145 -45.42 4.90 27.66
C LEU C 145 -46.88 5.39 27.57
N GLN C 146 -47.23 6.00 26.45
CA GLN C 146 -48.59 6.46 26.24
C GLN C 146 -49.60 5.30 26.12
N ASP C 147 -49.20 4.25 25.40
CA ASP C 147 -50.02 3.03 25.33
C ASP C 147 -50.25 2.43 26.71
N MET C 148 -49.20 2.36 27.52
CA MET C 148 -49.32 1.82 28.86
C MET C 148 -50.16 2.71 29.77
N THR C 149 -50.02 4.02 29.63
CA THR C 149 -50.81 4.99 30.36
C THR C 149 -52.31 4.80 30.05
N THR C 150 -52.61 4.60 28.77
CA THR C 150 -53.97 4.42 28.30
C THR C 150 -54.61 3.18 28.92
N HIS C 151 -53.93 2.04 28.80
CA HIS C 151 -54.40 0.80 29.38
C HIS C 151 -54.62 0.91 30.90
N LEU C 152 -53.67 1.53 31.60
CA LEU C 152 -53.80 1.74 33.03
C LEU C 152 -55.04 2.55 33.42
N ILE C 153 -55.29 3.64 32.69
CA ILE C 153 -56.43 4.51 32.95
C ILE C 153 -57.74 3.74 32.75
N LEU C 154 -57.86 3.08 31.61
CA LEU C 154 -59.02 2.27 31.28
C LEU C 154 -59.31 1.19 32.32
N ARG C 155 -58.29 0.44 32.74
CA ARG C 155 -58.49 -0.63 33.70
C ARG C 155 -58.88 -0.07 35.07
N SER C 156 -58.15 0.95 35.51
CA SER C 156 -58.36 1.56 36.81
C SER C 156 -59.73 2.25 36.92
N PHE C 157 -60.18 2.85 35.81
CA PHE C 157 -61.48 3.52 35.77
C PHE C 157 -62.62 2.49 35.82
N LYS C 158 -62.49 1.44 35.02
CA LYS C 158 -63.42 0.30 35.04
C LYS C 158 -63.55 -0.25 36.46
N GLU C 159 -62.42 -0.53 37.08
CA GLU C 159 -62.39 -1.10 38.42
C GLU C 159 -63.15 -0.20 39.41
N PHE C 160 -62.90 1.12 39.32
CA PHE C 160 -63.52 2.07 40.22
C PHE C 160 -65.05 2.12 40.01
N LEU C 161 -65.46 2.09 38.75
CA LEU C 161 -66.87 2.10 38.39
C LEU C 161 -67.61 0.83 38.83
N GLN C 162 -66.95 -0.32 38.67
CA GLN C 162 -67.49 -1.60 39.12
C GLN C 162 -67.76 -1.62 40.62
N SER C 163 -66.79 -1.18 41.40
CA SER C 163 -66.97 -1.07 42.85
C SER C 163 -67.97 0.00 43.24
N SER C 164 -68.02 1.08 42.46
CA SER C 164 -69.01 2.14 42.65
C SER C 164 -70.42 1.61 42.43
N LEU C 165 -70.62 0.89 41.32
CA LEU C 165 -71.89 0.27 41.00
C LEU C 165 -72.39 -0.62 42.13
N ARG C 166 -71.52 -1.51 42.64
CA ARG C 166 -71.84 -2.40 43.75
C ARG C 166 -72.28 -1.63 44.99
N ALA C 167 -71.55 -0.58 45.35
CA ALA C 167 -71.84 0.18 46.58
C ALA C 167 -73.13 0.97 46.46
N LEU C 168 -73.39 1.51 45.28
CA LEU C 168 -74.58 2.34 45.05
C LEU C 168 -75.87 1.51 45.03
N ARG C 169 -75.74 0.22 44.77
CA ARG C 169 -76.87 -0.71 44.86
C ARG C 169 -77.33 -0.94 46.31
N GLN C 170 -76.52 -0.48 47.27
CA GLN C 170 -76.87 -0.52 48.69
C GLN C 170 -77.38 0.82 49.22
N MET C 171 -77.44 1.82 48.35
CA MET C 171 -77.87 3.17 48.75
C MET C 171 -79.24 3.52 48.18
N PRO D 1 28.74 -47.72 -75.65
CA PRO D 1 29.40 -47.18 -76.84
C PRO D 1 30.91 -47.04 -76.67
N HIS D 2 31.66 -47.58 -77.63
CA HIS D 2 33.12 -47.58 -77.58
C HIS D 2 33.73 -46.26 -78.06
N ARG D 3 34.97 -45.99 -77.63
CA ARG D 3 35.74 -44.82 -78.08
C ARG D 3 37.24 -45.10 -77.96
N GLN D 4 38.05 -44.33 -78.68
CA GLN D 4 39.51 -44.42 -78.55
C GLN D 4 39.94 -43.92 -77.17
N PRO D 5 41.19 -44.24 -76.75
CA PRO D 5 41.67 -43.70 -75.47
C PRO D 5 41.69 -42.17 -75.44
N LEU D 6 41.25 -41.59 -74.33
CA LEU D 6 41.36 -40.15 -74.08
C LEU D 6 42.82 -39.74 -74.03
N THR D 7 43.14 -38.59 -74.62
CA THR D 7 44.45 -37.97 -74.40
C THR D 7 44.51 -37.38 -72.98
N SER D 8 45.72 -37.04 -72.54
CA SER D 8 45.93 -36.41 -71.24
C SER D 8 45.08 -35.17 -71.07
N SER D 9 45.06 -34.33 -72.10
CA SER D 9 44.30 -33.09 -72.10
C SER D 9 42.80 -33.32 -72.02
N GLU D 10 42.31 -34.32 -72.73
CA GLU D 10 40.89 -34.65 -72.72
C GLU D 10 40.49 -35.21 -71.36
N ARG D 11 41.38 -35.99 -70.77
CA ARG D 11 41.19 -36.54 -69.45
C ARG D 11 41.10 -35.41 -68.40
N ILE D 12 42.04 -34.47 -68.47
CA ILE D 12 42.03 -33.25 -67.66
C ILE D 12 40.72 -32.45 -67.82
N ASP D 13 40.33 -32.22 -69.07
CA ASP D 13 39.10 -31.49 -69.40
C ASP D 13 37.88 -32.15 -68.74
N LYS D 14 37.78 -33.46 -68.90
CA LYS D 14 36.69 -34.25 -68.33
C LYS D 14 36.71 -34.21 -66.79
N GLN D 15 37.91 -34.24 -66.22
CA GLN D 15 38.06 -34.18 -64.77
C GLN D 15 37.54 -32.84 -64.22
N ILE D 16 37.94 -31.74 -64.84
CA ILE D 16 37.45 -30.42 -64.41
C ILE D 16 35.92 -30.32 -64.48
N ARG D 17 35.35 -30.75 -65.60
CA ARG D 17 33.89 -30.71 -65.78
C ARG D 17 33.14 -31.56 -64.74
N TYR D 18 33.72 -32.70 -64.38
CA TYR D 18 33.13 -33.55 -63.35
C TYR D 18 33.10 -32.81 -61.99
N ILE D 19 34.19 -32.15 -61.65
CA ILE D 19 34.29 -31.38 -60.40
C ILE D 19 33.28 -30.22 -60.39
N LEU D 20 33.17 -29.51 -61.50
CA LEU D 20 32.21 -28.41 -61.65
C LEU D 20 30.77 -28.86 -61.46
N ASP D 21 30.44 -30.05 -61.98
CA ASP D 21 29.12 -30.63 -61.82
C ASP D 21 28.85 -30.90 -60.34
N GLY D 22 29.85 -31.45 -59.64
CA GLY D 22 29.75 -31.66 -58.20
C GLY D 22 29.63 -30.38 -57.41
N ILE D 23 30.41 -29.36 -57.77
CA ILE D 23 30.35 -28.05 -57.10
C ILE D 23 28.95 -27.47 -57.27
N SER D 24 28.37 -27.67 -58.45
CA SER D 24 27.04 -27.17 -58.75
C SER D 24 25.98 -27.77 -57.82
N ALA D 25 26.05 -29.08 -57.60
CA ALA D 25 25.12 -29.78 -56.70
C ALA D 25 25.25 -29.28 -55.24
N LEU D 26 26.48 -29.07 -54.81
CA LEU D 26 26.77 -28.49 -53.49
C LEU D 26 26.19 -27.08 -53.36
N ARG D 27 26.44 -26.23 -54.36
CA ARG D 27 25.90 -24.88 -54.38
C ARG D 27 24.37 -24.90 -54.25
N LYS D 28 23.73 -25.76 -55.03
CA LYS D 28 22.26 -25.87 -55.03
C LYS D 28 21.72 -26.15 -53.63
N GLU D 29 22.38 -27.05 -52.91
CA GLU D 29 21.97 -27.39 -51.55
C GLU D 29 22.17 -26.22 -50.57
N THR D 30 23.35 -25.59 -50.63
CA THR D 30 23.67 -24.45 -49.77
C THR D 30 22.67 -23.29 -49.95
N CYS D 31 22.32 -22.99 -51.20
CA CYS D 31 21.50 -21.81 -51.51
C CYS D 31 20.00 -22.04 -51.36
N ASN D 32 19.60 -23.28 -51.10
CA ASN D 32 18.20 -23.62 -50.85
C ASN D 32 17.86 -23.67 -49.36
N LYS D 33 18.84 -23.40 -48.51
CA LYS D 33 18.64 -23.38 -47.07
C LYS D 33 19.36 -22.21 -46.39
N SER D 34 19.09 -22.03 -45.09
CA SER D 34 19.67 -20.96 -44.27
C SER D 34 19.44 -19.56 -44.86
N ASN D 35 20.52 -18.82 -45.06
CA ASN D 35 20.45 -17.44 -45.57
C ASN D 35 20.21 -17.34 -47.08
N MET D 36 20.08 -18.50 -47.74
CA MET D 36 19.77 -18.59 -49.18
C MET D 36 20.86 -17.92 -50.05
N CYS D 37 22.11 -18.07 -49.63
CA CYS D 37 23.29 -17.48 -50.28
C CYS D 37 23.19 -15.96 -50.48
N GLU D 38 22.46 -15.30 -49.58
CA GLU D 38 22.40 -13.85 -49.49
C GLU D 38 23.80 -13.35 -49.17
N SER D 39 24.33 -12.45 -49.99
CA SER D 39 25.76 -12.20 -49.98
C SER D 39 26.20 -10.76 -49.72
N SER D 40 25.28 -9.92 -49.22
CA SER D 40 25.59 -8.51 -48.97
C SER D 40 26.76 -8.29 -48.02
N LYS D 41 26.82 -9.10 -46.96
CA LYS D 41 27.84 -8.92 -45.93
C LYS D 41 28.94 -9.98 -45.99
N GLU D 42 29.06 -10.64 -47.14
CA GLU D 42 30.08 -11.69 -47.35
C GLU D 42 31.53 -11.22 -47.22
N ALA D 43 31.76 -9.91 -47.33
CA ALA D 43 33.08 -9.34 -47.07
C ALA D 43 33.60 -9.68 -45.66
N LEU D 44 32.67 -9.84 -44.71
CA LEU D 44 33.01 -10.19 -43.33
C LEU D 44 33.69 -11.55 -43.23
N ALA D 45 33.15 -12.54 -43.95
CA ALA D 45 33.71 -13.89 -43.97
C ALA D 45 34.98 -13.97 -44.81
N GLU D 46 35.12 -13.05 -45.76
CA GLU D 46 36.23 -13.06 -46.72
C GLU D 46 37.56 -12.68 -46.07
N ASN D 47 37.48 -11.93 -44.98
CA ASN D 47 38.65 -11.50 -44.22
C ASN D 47 39.59 -12.64 -43.83
N ASN D 48 39.01 -13.74 -43.35
CA ASN D 48 39.78 -14.91 -42.94
C ASN D 48 40.24 -15.81 -44.09
N LEU D 49 39.91 -15.43 -45.33
CA LEU D 49 40.11 -16.30 -46.49
C LEU D 49 41.12 -15.75 -47.48
N ASN D 50 42.07 -16.58 -47.87
CA ASN D 50 42.99 -16.26 -48.96
C ASN D 50 42.72 -17.18 -50.15
N LEU D 51 41.58 -16.98 -50.80
CA LEU D 51 41.16 -17.86 -51.89
C LEU D 51 41.90 -17.53 -53.19
N PRO D 52 42.50 -18.56 -53.83
CA PRO D 52 43.22 -18.36 -55.09
C PRO D 52 42.30 -17.79 -56.16
N LYS D 53 42.84 -16.88 -56.97
CA LYS D 53 42.11 -16.34 -58.11
C LYS D 53 43.07 -16.03 -59.26
N MET D 54 42.55 -16.08 -60.48
CA MET D 54 43.35 -15.72 -61.65
C MET D 54 43.52 -14.21 -61.74
N ALA D 55 44.70 -13.79 -62.20
CA ALA D 55 44.98 -12.41 -62.56
C ALA D 55 45.71 -12.44 -63.90
N GLU D 56 45.75 -11.32 -64.61
CA GLU D 56 46.39 -11.28 -65.92
C GLU D 56 47.86 -11.70 -65.89
N LYS D 57 48.58 -11.32 -64.85
CA LYS D 57 49.99 -11.71 -64.67
C LYS D 57 50.23 -13.24 -64.70
N ASP D 58 49.18 -14.03 -64.42
CA ASP D 58 49.32 -15.49 -64.36
C ASP D 58 49.41 -16.15 -65.74
N GLY D 59 49.03 -15.41 -66.77
CA GLY D 59 49.13 -15.91 -68.14
C GLY D 59 48.10 -16.96 -68.50
N CYS D 60 46.97 -16.95 -67.79
CA CYS D 60 45.92 -17.92 -68.06
C CYS D 60 44.81 -17.38 -68.98
N PHE D 61 44.83 -16.07 -69.24
CA PHE D 61 43.86 -15.48 -70.16
C PHE D 61 44.43 -15.45 -71.56
N GLN D 62 43.57 -15.43 -72.57
CA GLN D 62 44.01 -15.43 -73.97
C GLN D 62 45.00 -14.32 -74.25
N SER D 63 44.69 -13.12 -73.76
CA SER D 63 45.58 -11.99 -73.89
C SER D 63 46.68 -12.13 -72.83
N GLY D 64 47.93 -12.22 -73.30
CA GLY D 64 49.08 -12.43 -72.42
C GLY D 64 49.26 -13.88 -72.01
N PHE D 65 48.69 -14.80 -72.79
CA PHE D 65 48.74 -16.22 -72.44
C PHE D 65 50.16 -16.75 -72.36
N ASN D 66 50.42 -17.50 -71.30
CA ASN D 66 51.73 -18.11 -71.09
C ASN D 66 51.50 -19.48 -70.45
N GLU D 67 51.71 -20.53 -71.25
CA GLU D 67 51.42 -21.90 -70.86
C GLU D 67 52.12 -22.32 -69.56
N GLU D 68 53.43 -22.06 -69.48
CA GLU D 68 54.23 -22.44 -68.30
C GLU D 68 53.77 -21.74 -67.02
N THR D 69 53.68 -20.42 -67.03
CA THR D 69 53.28 -19.67 -65.83
C THR D 69 51.84 -20.00 -65.44
N CYS D 70 50.98 -20.20 -66.43
CA CYS D 70 49.58 -20.59 -66.18
C CYS D 70 49.44 -21.94 -65.50
N LEU D 71 50.10 -22.96 -66.04
CA LEU D 71 50.06 -24.30 -65.45
C LEU D 71 50.53 -24.29 -64.00
N VAL D 72 51.63 -23.59 -63.75
CA VAL D 72 52.13 -23.43 -62.38
C VAL D 72 51.06 -22.81 -61.46
N LYS D 73 50.43 -21.74 -61.94
CA LYS D 73 49.37 -21.06 -61.20
C LYS D 73 48.19 -21.99 -60.94
N ILE D 74 47.77 -22.78 -61.94
CA ILE D 74 46.66 -23.68 -61.73
C ILE D 74 46.96 -24.72 -60.64
N ILE D 75 48.14 -25.34 -60.73
CA ILE D 75 48.55 -26.36 -59.76
C ILE D 75 48.67 -25.74 -58.36
N THR D 76 49.34 -24.59 -58.28
CA THR D 76 49.52 -23.89 -57.00
C THR D 76 48.17 -23.52 -56.41
N GLY D 77 47.28 -22.98 -57.25
CA GLY D 77 45.94 -22.63 -56.85
C GLY D 77 45.15 -23.81 -56.31
N LEU D 78 45.16 -24.93 -57.03
CA LEU D 78 44.41 -26.12 -56.62
C LEU D 78 44.94 -26.70 -55.31
N LEU D 79 46.27 -26.70 -55.13
CA LEU D 79 46.88 -27.14 -53.88
C LEU D 79 46.42 -26.27 -52.69
N GLU D 80 46.33 -24.96 -52.92
CA GLU D 80 45.83 -24.03 -51.89
C GLU D 80 44.35 -24.19 -51.56
N PHE D 81 43.55 -24.64 -52.53
CA PHE D 81 42.12 -24.85 -52.33
C PHE D 81 41.80 -26.07 -51.45
N GLU D 82 42.71 -27.04 -51.41
CA GLU D 82 42.46 -28.30 -50.74
C GLU D 82 42.05 -28.18 -49.26
N VAL D 83 42.69 -27.29 -48.51
CA VAL D 83 42.27 -27.06 -47.13
C VAL D 83 40.80 -26.60 -47.06
N TYR D 84 40.39 -25.76 -48.02
CA TYR D 84 39.02 -25.28 -48.08
C TYR D 84 38.04 -26.38 -48.48
N LEU D 85 38.48 -27.32 -49.31
CA LEU D 85 37.64 -28.48 -49.63
C LEU D 85 37.52 -29.42 -48.44
N GLU D 86 38.59 -29.54 -47.65
CA GLU D 86 38.50 -30.28 -46.40
C GLU D 86 37.45 -29.62 -45.50
N TYR D 87 37.48 -28.30 -45.39
CA TYR D 87 36.48 -27.58 -44.61
C TYR D 87 35.05 -27.93 -45.02
N LEU D 88 34.83 -28.10 -46.32
CA LEU D 88 33.49 -28.37 -46.85
C LEU D 88 32.93 -29.74 -46.47
N GLN D 89 33.80 -30.68 -46.12
CA GLN D 89 33.36 -32.06 -45.84
C GLN D 89 32.32 -32.15 -44.70
N ASN D 90 32.50 -31.37 -43.66
CA ASN D 90 31.58 -31.40 -42.52
C ASN D 90 30.27 -30.66 -42.79
N ARG D 91 30.32 -29.71 -43.72
CA ARG D 91 29.18 -28.85 -43.99
C ARG D 91 28.06 -29.51 -44.82
N PHE D 92 28.32 -30.70 -45.35
CA PHE D 92 27.33 -31.39 -46.17
C PHE D 92 27.10 -32.84 -45.73
N GLU D 93 26.02 -33.07 -44.97
CA GLU D 93 25.44 -34.40 -44.78
C GLU D 93 24.03 -34.40 -45.37
N SER D 94 23.69 -35.46 -46.10
CA SER D 94 22.62 -35.44 -47.09
C SER D 94 23.26 -35.05 -48.44
N SER D 95 24.60 -35.06 -48.43
CA SER D 95 25.42 -34.80 -49.62
C SER D 95 26.87 -35.18 -49.37
N GLU D 96 27.10 -35.95 -48.31
CA GLU D 96 28.41 -36.50 -47.99
C GLU D 96 29.17 -36.97 -49.24
N GLU D 97 28.54 -37.86 -50.02
CA GLU D 97 29.13 -38.48 -51.20
C GLU D 97 29.62 -37.44 -52.21
N GLN D 98 28.78 -36.44 -52.45
CA GLN D 98 29.06 -35.37 -53.40
C GLN D 98 30.25 -34.49 -52.98
N ALA D 99 30.30 -34.14 -51.70
CA ALA D 99 31.38 -33.32 -51.17
C ALA D 99 32.69 -34.10 -51.18
N ARG D 100 32.56 -35.39 -50.91
CA ARG D 100 33.66 -36.32 -50.92
C ARG D 100 34.21 -36.47 -52.35
N ALA D 101 33.29 -36.58 -53.31
CA ALA D 101 33.64 -36.72 -54.72
C ALA D 101 34.42 -35.50 -55.24
N VAL D 102 33.96 -34.31 -54.89
CA VAL D 102 34.62 -33.07 -55.31
C VAL D 102 36.05 -33.06 -54.77
N GLN D 103 36.20 -33.44 -53.50
CA GLN D 103 37.50 -33.43 -52.85
C GLN D 103 38.48 -34.43 -53.49
N MET D 104 38.01 -35.66 -53.73
CA MET D 104 38.81 -36.74 -54.31
CA MET D 104 38.87 -36.69 -54.29
C MET D 104 39.19 -36.42 -55.75
N SER D 105 38.21 -35.93 -56.51
CA SER D 105 38.40 -35.58 -57.93
C SER D 105 39.41 -34.48 -58.15
N THR D 106 39.47 -33.53 -57.21
CA THR D 106 40.45 -32.45 -57.26
C THR D 106 41.86 -33.00 -57.04
N LYS D 107 41.98 -33.96 -56.12
CA LYS D 107 43.26 -34.63 -55.87
C LYS D 107 43.77 -35.39 -57.10
N VAL D 108 42.85 -36.07 -57.78
CA VAL D 108 43.16 -36.78 -59.02
C VAL D 108 43.61 -35.77 -60.08
N LEU D 109 42.87 -34.67 -60.20
CA LEU D 109 43.21 -33.61 -61.14
C LEU D 109 44.62 -33.06 -60.89
N ILE D 110 44.94 -32.79 -59.61
CA ILE D 110 46.26 -32.26 -59.28
C ILE D 110 47.36 -33.18 -59.79
N GLN D 111 47.19 -34.49 -59.60
CA GLN D 111 48.16 -35.45 -60.09
C GLN D 111 48.29 -35.44 -61.63
N PHE D 112 47.16 -35.40 -62.35
CA PHE D 112 47.18 -35.24 -63.82
C PHE D 112 48.01 -34.04 -64.24
N LEU D 113 47.80 -32.92 -63.56
CA LEU D 113 48.45 -31.67 -63.93
C LEU D 113 49.92 -31.69 -63.58
N GLN D 114 50.27 -32.31 -62.44
CA GLN D 114 51.68 -32.42 -62.06
C GLN D 114 52.50 -33.26 -63.05
N LYS D 115 51.90 -34.32 -63.57
CA LYS D 115 52.47 -35.11 -64.66
C LYS D 115 52.75 -34.22 -65.88
N LYS D 116 51.76 -33.40 -66.25
CA LYS D 116 51.86 -32.47 -67.35
C LYS D 116 52.95 -31.42 -67.16
N ALA D 117 53.19 -31.01 -65.91
CA ALA D 117 54.17 -29.98 -65.61
C ALA D 117 55.62 -30.44 -65.80
N LYS D 118 56.15 -31.18 -64.83
CA LYS D 118 57.56 -31.60 -64.81
C LYS D 118 58.51 -30.60 -65.53
N ASN D 119 59.09 -29.64 -64.80
CA ASN D 119 59.28 -29.66 -63.34
C ASN D 119 58.20 -29.04 -62.45
N LEU D 120 58.40 -29.19 -61.14
CA LEU D 120 57.50 -28.64 -60.13
C LEU D 120 58.23 -27.67 -59.18
N ASP D 121 59.39 -27.16 -59.62
CA ASP D 121 60.23 -26.29 -58.80
C ASP D 121 59.55 -24.97 -58.37
N ALA D 122 58.79 -24.38 -59.29
CA ALA D 122 58.09 -23.11 -59.02
C ALA D 122 56.79 -23.31 -58.23
N ILE D 123 56.43 -24.56 -57.95
CA ILE D 123 55.21 -24.87 -57.21
C ILE D 123 55.42 -24.68 -55.72
N THR D 124 54.71 -23.71 -55.16
CA THR D 124 54.68 -23.49 -53.72
C THR D 124 53.63 -24.37 -53.04
N THR D 125 54.11 -25.29 -52.21
CA THR D 125 53.25 -26.15 -51.42
C THR D 125 52.80 -25.39 -50.16
N PRO D 126 51.48 -25.37 -49.91
CA PRO D 126 50.97 -24.76 -48.67
C PRO D 126 51.48 -25.48 -47.43
N ASP D 127 51.71 -24.74 -46.35
CA ASP D 127 52.23 -25.30 -45.11
C ASP D 127 51.12 -26.03 -44.33
N PRO D 128 51.34 -27.30 -43.96
CA PRO D 128 50.37 -28.09 -43.20
C PRO D 128 49.94 -27.43 -41.88
N THR D 129 50.89 -26.89 -41.13
CA THR D 129 50.60 -26.23 -39.84
C THR D 129 49.66 -25.03 -40.06
N THR D 130 50.00 -24.19 -41.02
CA THR D 130 49.16 -23.05 -41.37
C THR D 130 47.75 -23.52 -41.74
N ASN D 131 47.66 -24.63 -42.47
CA ASN D 131 46.38 -25.18 -42.91
C ASN D 131 45.52 -25.73 -41.78
N ALA D 132 46.16 -26.37 -40.81
CA ALA D 132 45.46 -26.93 -39.66
C ALA D 132 44.86 -25.82 -38.77
N SER D 133 45.63 -24.76 -38.55
CA SER D 133 45.17 -23.60 -37.78
C SER D 133 44.04 -22.88 -38.49
N LEU D 134 44.19 -22.70 -39.80
CA LEU D 134 43.17 -22.05 -40.61
C LEU D 134 41.86 -22.83 -40.52
N LEU D 135 41.95 -24.14 -40.65
CA LEU D 135 40.78 -25.00 -40.62
C LEU D 135 40.07 -24.87 -39.27
N THR D 136 40.84 -24.88 -38.18
CA THR D 136 40.33 -24.70 -36.83
C THR D 136 39.60 -23.36 -36.69
N LYS D 137 40.24 -22.30 -37.18
CA LYS D 137 39.70 -20.95 -37.19
C LYS D 137 38.34 -20.91 -37.90
N LEU D 138 38.25 -21.55 -39.07
CA LEU D 138 37.03 -21.51 -39.85
C LEU D 138 35.90 -22.24 -39.18
N GLN D 139 36.22 -23.39 -38.57
CA GLN D 139 35.22 -24.24 -37.92
C GLN D 139 34.67 -23.65 -36.62
N ALA D 140 35.44 -22.77 -35.98
CA ALA D 140 35.07 -22.12 -34.73
C ALA D 140 33.96 -21.06 -34.89
N GLN D 141 33.79 -20.56 -36.12
CA GLN D 141 32.87 -19.46 -36.40
C GLN D 141 31.41 -19.80 -36.17
N ASN D 142 30.58 -18.78 -35.90
CA ASN D 142 29.12 -18.95 -35.80
C ASN D 142 28.50 -19.41 -37.12
N GLN D 143 27.27 -19.91 -37.06
CA GLN D 143 26.61 -20.53 -38.22
C GLN D 143 26.48 -19.61 -39.44
N TRP D 144 26.18 -18.34 -39.18
CA TRP D 144 26.03 -17.36 -40.24
C TRP D 144 27.34 -17.17 -41.01
N LEU D 145 28.43 -16.96 -40.28
CA LEU D 145 29.74 -16.80 -40.89
C LEU D 145 30.18 -18.05 -41.66
N GLN D 146 29.79 -19.23 -41.15
CA GLN D 146 30.12 -20.50 -41.78
C GLN D 146 29.31 -20.71 -43.07
N ASP D 147 28.04 -20.31 -43.06
CA ASP D 147 27.24 -20.35 -44.28
C ASP D 147 27.85 -19.48 -45.37
N MET D 148 28.31 -18.30 -44.98
CA MET D 148 28.95 -17.37 -45.91
C MET D 148 30.32 -17.86 -46.40
N THR D 149 31.09 -18.43 -45.48
CA THR D 149 32.37 -19.01 -45.84
C THR D 149 32.16 -20.13 -46.86
N THR D 150 31.16 -20.96 -46.63
CA THR D 150 30.84 -22.07 -47.51
C THR D 150 30.54 -21.58 -48.93
N HIS D 151 29.69 -20.56 -49.04
CA HIS D 151 29.30 -20.00 -50.33
C HIS D 151 30.49 -19.37 -51.05
N LEU D 152 31.34 -18.65 -50.32
CA LEU D 152 32.53 -18.03 -50.90
C LEU D 152 33.50 -19.06 -51.48
N ILE D 153 33.72 -20.15 -50.75
CA ILE D 153 34.60 -21.22 -51.21
C ILE D 153 34.04 -21.85 -52.49
N LEU D 154 32.76 -22.22 -52.47
CA LEU D 154 32.13 -22.83 -53.65
C LEU D 154 32.19 -21.94 -54.90
N ARG D 155 31.88 -20.66 -54.74
CA ARG D 155 31.85 -19.73 -55.88
C ARG D 155 33.26 -19.53 -56.42
N SER D 156 34.18 -19.26 -55.51
CA SER D 156 35.57 -19.00 -55.83
C SER D 156 36.28 -20.20 -56.46
N PHE D 157 35.91 -21.40 -56.02
CA PHE D 157 36.50 -22.61 -56.54
C PHE D 157 35.96 -22.86 -57.94
N LYS D 158 34.64 -22.67 -58.09
CA LYS D 158 33.98 -22.74 -59.40
C LYS D 158 34.67 -21.81 -60.41
N GLU D 159 34.84 -20.54 -60.01
CA GLU D 159 35.47 -19.53 -60.87
C GLU D 159 36.89 -19.90 -61.26
N PHE D 160 37.65 -20.44 -60.31
CA PHE D 160 39.01 -20.84 -60.57
C PHE D 160 39.07 -21.99 -61.59
N LEU D 161 38.17 -22.96 -61.44
CA LEU D 161 38.12 -24.11 -62.34
C LEU D 161 37.63 -23.74 -63.74
N GLN D 162 36.69 -22.79 -63.83
CA GLN D 162 36.22 -22.32 -65.14
C GLN D 162 37.33 -21.65 -65.93
N SER D 163 38.09 -20.78 -65.27
CA SER D 163 39.24 -20.16 -65.92
C SER D 163 40.33 -21.19 -66.25
N SER D 164 40.51 -22.17 -65.37
CA SER D 164 41.50 -23.22 -65.59
C SER D 164 41.14 -24.03 -66.83
N LEU D 165 39.88 -24.43 -66.92
CA LEU D 165 39.37 -25.20 -68.05
C LEU D 165 39.65 -24.48 -69.37
N ARG D 166 39.30 -23.20 -69.46
CA ARG D 166 39.54 -22.37 -70.65
C ARG D 166 41.01 -22.33 -71.03
N ALA D 167 41.88 -22.13 -70.04
CA ALA D 167 43.30 -22.04 -70.28
C ALA D 167 43.90 -23.37 -70.75
N LEU D 168 43.43 -24.47 -70.15
CA LEU D 168 43.98 -25.80 -70.42
C LEU D 168 43.59 -26.29 -71.81
N ARG D 169 42.50 -25.73 -72.35
CA ARG D 169 42.07 -26.01 -73.71
C ARG D 169 43.04 -25.42 -74.75
N GLN D 170 43.80 -24.40 -74.35
CA GLN D 170 44.84 -23.80 -75.19
C GLN D 170 46.19 -24.50 -75.06
N MET D 171 46.28 -25.52 -74.21
CA MET D 171 47.54 -26.22 -73.98
C MET D 171 47.51 -27.61 -74.64
N GLU E 1 -34.52 -1.46 2.48
CA GLU E 1 -33.50 -0.68 3.25
C GLU E 1 -34.07 0.70 3.56
N VAL E 2 -34.03 1.06 4.84
CA VAL E 2 -34.44 2.40 5.28
C VAL E 2 -33.41 3.40 4.76
N GLN E 3 -33.91 4.41 4.05
CA GLN E 3 -33.09 5.53 3.64
C GLN E 3 -33.76 6.84 4.02
N LEU E 4 -32.95 7.76 4.54
CA LEU E 4 -33.36 9.11 4.86
C LEU E 4 -32.33 10.02 4.23
N VAL E 5 -32.76 10.85 3.27
CA VAL E 5 -31.85 11.72 2.52
C VAL E 5 -32.21 13.20 2.74
N GLU E 6 -31.34 13.93 3.43
CA GLU E 6 -31.52 15.36 3.65
C GLU E 6 -31.07 16.15 2.43
N SER E 7 -31.78 17.24 2.16
CA SER E 7 -31.36 18.21 1.14
C SER E 7 -31.81 19.60 1.56
N GLY E 8 -31.29 20.62 0.87
CA GLY E 8 -31.64 21.99 1.16
C GLY E 8 -30.64 22.70 2.04
N GLY E 9 -29.52 22.04 2.33
CA GLY E 9 -28.46 22.63 3.15
C GLY E 9 -27.63 23.66 2.39
N GLY E 10 -26.80 24.40 3.11
CA GLY E 10 -25.93 25.39 2.48
C GLY E 10 -25.80 26.66 3.29
N LEU E 11 -25.70 27.78 2.58
CA LEU E 11 -25.42 29.09 3.17
C LEU E 11 -26.66 29.89 3.48
N VAL E 12 -26.62 30.60 4.60
CA VAL E 12 -27.68 31.54 4.98
C VAL E 12 -27.02 32.69 5.72
N GLN E 13 -27.52 33.90 5.49
CA GLN E 13 -27.06 35.06 6.25
C GLN E 13 -27.70 35.04 7.62
N PRO E 14 -26.99 35.58 8.64
CA PRO E 14 -27.61 35.75 9.96
C PRO E 14 -28.94 36.50 9.84
N GLY E 15 -29.95 36.03 10.58
CA GLY E 15 -31.30 36.57 10.51
C GLY E 15 -32.15 35.87 9.47
N GLY E 16 -31.51 35.09 8.60
CA GLY E 16 -32.19 34.47 7.47
C GLY E 16 -32.99 33.24 7.80
N SER E 17 -33.60 32.67 6.77
CA SER E 17 -34.40 31.47 6.88
C SER E 17 -33.91 30.42 5.89
N LEU E 18 -34.09 29.17 6.25
CA LEU E 18 -33.74 28.07 5.37
C LEU E 18 -34.63 26.87 5.70
N ARG E 19 -35.03 26.17 4.67
CA ARG E 19 -35.89 25.02 4.83
C ARG E 19 -35.17 23.75 4.40
N LEU E 20 -35.03 22.82 5.35
CA LEU E 20 -34.45 21.53 5.05
C LEU E 20 -35.53 20.53 4.68
N SER E 21 -35.18 19.60 3.80
CA SER E 21 -36.07 18.52 3.41
C SER E 21 -35.41 17.18 3.71
N CYS E 22 -36.24 16.18 3.95
CA CYS E 22 -35.76 14.82 4.12
C CYS E 22 -36.70 13.90 3.38
N ALA E 23 -36.16 13.20 2.38
CA ALA E 23 -36.93 12.23 1.63
C ALA E 23 -36.74 10.85 2.25
N ALA E 24 -37.82 10.26 2.73
CA ALA E 24 -37.76 8.93 3.36
C ALA E 24 -38.17 7.84 2.39
N SER E 25 -37.48 6.71 2.43
CA SER E 25 -37.85 5.54 1.62
C SER E 25 -37.54 4.23 2.35
N GLY E 26 -38.25 3.16 1.97
CA GLY E 26 -37.98 1.83 2.51
C GLY E 26 -38.75 1.44 3.76
N PHE E 27 -39.77 2.22 4.10
CA PHE E 27 -40.67 1.91 5.21
C PHE E 27 -41.97 2.71 5.07
N ASN E 28 -42.97 2.40 5.89
CA ASN E 28 -44.22 3.19 5.88
C ASN E 28 -44.05 4.48 6.66
N PHE E 29 -43.63 5.54 5.93
CA PHE E 29 -43.33 6.84 6.51
C PHE E 29 -44.45 7.34 7.43
N ASN E 30 -45.68 7.24 6.96
CA ASN E 30 -46.89 7.67 7.67
C ASN E 30 -47.00 7.20 9.11
N ASP E 31 -46.48 6.02 9.40
CA ASP E 31 -46.63 5.41 10.72
C ASP E 31 -45.68 5.95 11.78
N TYR E 32 -44.59 6.58 11.35
CA TYR E 32 -43.49 6.90 12.29
C TYR E 32 -43.43 8.34 12.76
N PHE E 33 -43.07 8.51 14.02
CA PHE E 33 -42.56 9.79 14.51
C PHE E 33 -41.20 10.01 13.84
N MET E 34 -40.91 11.25 13.48
CA MET E 34 -39.62 11.63 12.91
C MET E 34 -39.00 12.75 13.75
N ASN E 35 -37.66 12.79 13.79
CA ASN E 35 -36.95 13.84 14.53
C ASN E 35 -35.93 14.54 13.64
N TRP E 36 -35.53 15.75 14.05
CA TRP E 36 -34.29 16.37 13.58
C TRP E 36 -33.32 16.46 14.74
N VAL E 37 -32.05 16.24 14.43
CA VAL E 37 -30.98 16.36 15.40
C VAL E 37 -29.91 17.15 14.69
N ARG E 38 -29.14 17.94 15.42
CA ARG E 38 -28.04 18.68 14.82
C ARG E 38 -26.73 18.54 15.60
N GLN E 39 -25.64 18.86 14.94
CA GLN E 39 -24.33 18.82 15.57
C GLN E 39 -23.43 19.91 14.99
N ALA E 40 -23.09 20.88 15.82
CA ALA E 40 -22.16 21.93 15.43
C ALA E 40 -20.75 21.34 15.30
N PRO E 41 -19.92 21.87 14.35
CA PRO E 41 -18.58 21.32 14.09
C PRO E 41 -17.77 21.16 15.36
N GLY E 42 -17.33 19.94 15.63
CA GLY E 42 -16.55 19.64 16.83
C GLY E 42 -17.31 19.59 18.15
N LYS E 43 -18.64 19.73 18.09
CA LYS E 43 -19.44 19.77 19.32
C LYS E 43 -20.32 18.52 19.50
N GLY E 44 -21.15 18.54 20.55
CA GLY E 44 -22.02 17.43 20.87
C GLY E 44 -23.32 17.42 20.09
N LEU E 45 -24.01 16.29 20.14
CA LEU E 45 -25.32 16.14 19.52
C LEU E 45 -26.34 17.02 20.22
N GLU E 46 -27.19 17.69 19.44
CA GLU E 46 -28.29 18.46 20.00
C GLU E 46 -29.62 18.09 19.33
N TRP E 47 -30.53 17.56 20.16
CA TRP E 47 -31.85 17.16 19.68
C TRP E 47 -32.64 18.41 19.35
N VAL E 48 -33.32 18.41 18.20
CA VAL E 48 -33.93 19.63 17.68
C VAL E 48 -35.46 19.64 17.79
N ALA E 49 -36.12 18.67 17.17
CA ALA E 49 -37.58 18.65 17.06
C ALA E 49 -38.17 17.27 16.75
N GLN E 50 -39.43 17.09 17.14
CA GLN E 50 -40.20 15.88 16.89
C GLN E 50 -41.44 16.17 16.06
N MET E 51 -41.63 15.42 14.97
CA MET E 51 -42.84 15.45 14.17
C MET E 51 -43.62 14.16 14.40
N ARG E 52 -44.76 14.26 15.07
CA ARG E 52 -45.58 13.08 15.32
C ARG E 52 -46.42 12.70 14.11
N ASN E 53 -47.08 11.55 14.19
CA ASN E 53 -47.87 11.06 13.06
C ASN E 53 -49.33 11.51 13.14
N LYS E 54 -50.12 11.10 12.14
CA LYS E 54 -51.56 11.36 12.08
C LYS E 54 -52.29 10.88 13.34
N ASN E 55 -51.96 9.66 13.78
CA ASN E 55 -52.54 9.06 14.97
C ASN E 55 -52.33 9.92 16.23
N TYR E 56 -51.31 10.76 16.22
CA TYR E 56 -51.06 11.69 17.32
C TYR E 56 -51.31 13.11 16.87
N GLN E 57 -52.22 13.23 15.91
CA GLN E 57 -52.62 14.51 15.29
C GLN E 57 -51.49 15.50 14.97
N TYR E 58 -50.42 14.97 14.39
CA TYR E 58 -49.30 15.77 13.88
C TYR E 58 -48.68 16.70 14.93
N GLY E 59 -48.70 16.28 16.19
CA GLY E 59 -48.12 17.07 17.26
C GLY E 59 -46.65 17.34 16.97
N THR E 60 -46.16 18.46 17.47
CA THR E 60 -44.78 18.86 17.27
C THR E 60 -44.17 19.26 18.61
N TYR E 61 -42.92 18.87 18.84
CA TYR E 61 -42.17 19.31 20.01
C TYR E 61 -40.81 19.82 19.58
N TYR E 62 -40.27 20.77 20.34
CA TYR E 62 -39.05 21.49 19.97
C TYR E 62 -38.17 21.60 21.18
N ALA E 63 -36.85 21.52 20.99
CA ALA E 63 -35.92 21.87 22.07
C ALA E 63 -36.24 23.29 22.51
N GLU E 64 -36.21 23.55 23.80
CA GLU E 64 -36.62 24.86 24.29
C GLU E 64 -35.66 26.01 23.94
N SER E 65 -34.37 25.68 23.79
CA SER E 65 -33.32 26.67 23.54
C SER E 65 -33.42 27.28 22.14
N LEU E 66 -34.24 26.67 21.29
CA LEU E 66 -34.50 27.21 19.96
C LEU E 66 -35.46 28.41 20.01
N GLU E 67 -36.12 28.58 21.15
CA GLU E 67 -37.02 29.72 21.41
C GLU E 67 -38.08 29.93 20.32
N GLY E 68 -38.60 28.83 19.76
CA GLY E 68 -39.63 28.89 18.74
C GLY E 68 -39.20 29.31 17.33
N ARG E 69 -37.90 29.39 17.08
CA ARG E 69 -37.39 29.82 15.76
C ARG E 69 -37.54 28.78 14.64
N PHE E 70 -37.70 27.52 15.01
CA PHE E 70 -37.78 26.41 14.04
C PHE E 70 -39.20 25.85 13.96
N THR E 71 -39.59 25.40 12.77
CA THR E 71 -40.87 24.74 12.55
C THR E 71 -40.69 23.44 11.78
N ILE E 72 -41.16 22.35 12.38
CA ILE E 72 -41.10 21.04 11.75
C ILE E 72 -42.45 20.73 11.13
N SER E 73 -42.43 20.03 10.01
CA SER E 73 -43.65 19.62 9.36
C SER E 73 -43.35 18.39 8.52
N ARG E 74 -44.41 17.72 8.07
CA ARG E 74 -44.25 16.57 7.20
C ARG E 74 -45.28 16.61 6.07
N ASP E 75 -44.98 15.90 4.99
CA ASP E 75 -45.91 15.67 3.90
C ASP E 75 -45.93 14.19 3.60
N ASP E 76 -46.99 13.52 4.06
CA ASP E 76 -47.05 12.06 3.98
C ASP E 76 -47.20 11.51 2.57
N SER E 77 -47.91 12.22 1.70
CA SER E 77 -48.02 11.83 0.29
C SER E 77 -46.68 11.91 -0.46
N LYS E 78 -45.73 12.66 0.10
CA LYS E 78 -44.39 12.77 -0.52
C LYS E 78 -43.32 12.03 0.27
N ASN E 79 -43.72 11.37 1.35
CA ASN E 79 -42.80 10.73 2.28
C ASN E 79 -41.63 11.66 2.66
N SER E 80 -41.99 12.87 3.10
CA SER E 80 -41.00 13.91 3.34
C SER E 80 -41.17 14.60 4.67
N LEU E 81 -40.03 14.92 5.27
CA LEU E 81 -39.95 15.66 6.51
C LEU E 81 -39.32 17.00 6.16
N TYR E 82 -39.76 18.07 6.84
CA TYR E 82 -39.18 19.39 6.62
C TYR E 82 -38.80 20.06 7.93
N LEU E 83 -37.77 20.90 7.87
CA LEU E 83 -37.43 21.78 8.98
C LEU E 83 -37.28 23.19 8.45
N GLN E 84 -38.16 24.07 8.89
CA GLN E 84 -38.11 25.47 8.53
C GLN E 84 -37.43 26.19 9.68
N MET E 85 -36.26 26.76 9.39
CA MET E 85 -35.48 27.49 10.37
C MET E 85 -35.58 28.98 10.07
N ASN E 86 -35.76 29.79 11.12
CA ASN E 86 -35.90 31.23 10.98
C ASN E 86 -35.00 31.94 11.97
N SER E 87 -34.87 33.25 11.79
CA SER E 87 -34.02 34.08 12.63
C SER E 87 -32.69 33.40 12.92
N LEU E 88 -32.05 32.92 11.86
CA LEU E 88 -30.86 32.08 12.04
C LEU E 88 -29.71 32.86 12.64
N LYS E 89 -28.95 32.16 13.50
CA LYS E 89 -27.81 32.71 14.20
C LYS E 89 -26.55 31.94 13.80
N THR E 90 -25.40 32.60 13.96
CA THR E 90 -24.07 31.98 13.89
C THR E 90 -24.04 30.59 14.52
N GLU E 91 -24.57 30.50 15.75
CA GLU E 91 -24.61 29.29 16.55
C GLU E 91 -25.46 28.16 15.95
N ASP E 92 -26.23 28.45 14.92
CA ASP E 92 -27.05 27.43 14.28
C ASP E 92 -26.26 26.69 13.18
N THR E 93 -25.03 27.12 12.94
CA THR E 93 -24.12 26.45 12.01
C THR E 93 -23.87 25.03 12.52
N ALA E 94 -24.25 24.03 11.72
CA ALA E 94 -24.27 22.63 12.16
C ALA E 94 -24.59 21.70 11.02
N VAL E 95 -24.24 20.41 11.21
CA VAL E 95 -24.82 19.34 10.40
C VAL E 95 -26.18 19.01 10.98
N TYR E 96 -27.19 18.91 10.11
CA TYR E 96 -28.55 18.60 10.52
C TYR E 96 -28.91 17.20 10.03
N TYR E 97 -29.31 16.34 10.95
CA TYR E 97 -29.68 14.97 10.67
C TYR E 97 -31.18 14.76 10.77
N CYS E 98 -31.75 14.16 9.72
CA CYS E 98 -33.10 13.60 9.73
C CYS E 98 -33.01 12.24 10.42
N ALA E 99 -34.02 11.88 11.20
CA ALA E 99 -33.99 10.65 11.99
C ALA E 99 -35.36 10.06 12.24
N ARG E 100 -35.47 8.74 12.14
CA ARG E 100 -36.71 8.04 12.47
C ARG E 100 -36.74 7.74 13.96
N GLU E 101 -37.87 8.04 14.60
CA GLU E 101 -38.05 7.76 16.03
C GLU E 101 -38.74 6.42 16.22
N SER E 102 -38.24 5.65 17.19
CA SER E 102 -38.83 4.38 17.57
C SER E 102 -40.10 4.56 18.38
N TYR E 103 -40.97 3.56 18.30
CA TYR E 103 -42.12 3.42 19.20
C TYR E 103 -41.72 3.72 20.65
N TYR E 104 -40.52 3.28 21.03
CA TYR E 104 -39.99 3.46 22.38
C TYR E 104 -39.36 4.84 22.62
N GLY E 105 -39.19 5.61 21.55
CA GLY E 105 -38.69 6.98 21.69
C GLY E 105 -37.27 7.19 21.19
N PHE E 106 -36.46 6.14 21.16
CA PHE E 106 -35.06 6.32 20.79
C PHE E 106 -34.94 6.48 19.29
N THR E 107 -33.83 7.07 18.86
CA THR E 107 -33.58 7.25 17.43
C THR E 107 -33.05 5.96 16.86
N SER E 108 -33.69 5.47 15.80
CA SER E 108 -33.33 4.16 15.27
C SER E 108 -32.68 4.19 13.90
N TYR E 109 -32.93 5.25 13.13
CA TYR E 109 -32.29 5.43 11.83
C TYR E 109 -31.91 6.90 11.64
N TRP E 110 -30.77 7.11 10.99
CA TRP E 110 -30.23 8.46 10.77
C TRP E 110 -29.94 8.69 9.30
N GLY E 111 -30.16 9.91 8.85
CA GLY E 111 -29.69 10.33 7.53
C GLY E 111 -28.19 10.54 7.54
N GLN E 112 -27.64 10.93 6.39
CA GLN E 112 -26.22 11.24 6.27
C GLN E 112 -25.90 12.57 6.94
N GLY E 113 -26.91 13.43 7.06
CA GLY E 113 -26.74 14.77 7.58
C GLY E 113 -26.42 15.75 6.47
N THR E 114 -26.78 17.02 6.69
CA THR E 114 -26.42 18.08 5.75
C THR E 114 -25.96 19.33 6.49
N LEU E 115 -24.93 19.96 5.95
CA LEU E 115 -24.32 21.11 6.59
C LEU E 115 -25.08 22.41 6.31
N VAL E 116 -25.43 23.14 7.36
CA VAL E 116 -25.96 24.48 7.21
C VAL E 116 -24.94 25.44 7.83
N THR E 117 -24.51 26.43 7.06
CA THR E 117 -23.61 27.46 7.56
C THR E 117 -24.30 28.80 7.60
N VAL E 118 -24.32 29.42 8.78
CA VAL E 118 -24.93 30.72 8.96
C VAL E 118 -23.80 31.75 9.11
N SER E 119 -23.67 32.61 8.11
CA SER E 119 -22.56 33.54 8.03
C SER E 119 -22.83 34.67 7.06
N SER E 120 -22.20 35.82 7.27
CA SER E 120 -22.25 36.90 6.29
C SER E 120 -21.20 36.76 5.18
N ALA E 121 -20.27 35.80 5.34
CA ALA E 121 -19.24 35.57 4.32
C ALA E 121 -19.84 35.03 3.01
N SER E 122 -19.17 35.36 1.90
CA SER E 122 -19.56 34.85 0.58
C SER E 122 -18.71 33.63 0.22
N THR E 123 -19.27 32.77 -0.63
CA THR E 123 -18.55 31.63 -1.17
C THR E 123 -17.24 32.06 -1.83
N LYS E 124 -16.15 31.44 -1.41
CA LYS E 124 -14.83 31.76 -1.93
C LYS E 124 -13.93 30.52 -1.96
N GLY E 125 -13.29 30.29 -3.11
CA GLY E 125 -12.32 29.20 -3.25
C GLY E 125 -11.03 29.49 -2.48
N PRO E 126 -10.29 28.44 -2.12
CA PRO E 126 -9.08 28.63 -1.33
C PRO E 126 -7.90 29.09 -2.17
N SER E 127 -6.94 29.74 -1.52
CA SER E 127 -5.62 29.95 -2.07
C SER E 127 -4.71 28.91 -1.42
N VAL E 128 -4.01 28.14 -2.26
CA VAL E 128 -3.18 27.05 -1.79
C VAL E 128 -1.70 27.40 -1.92
N PHE E 129 -0.99 27.36 -0.80
CA PHE E 129 0.42 27.72 -0.76
C PHE E 129 1.27 26.54 -0.28
N PRO E 130 2.52 26.42 -0.80
CA PRO E 130 3.39 25.33 -0.37
C PRO E 130 3.96 25.54 1.05
N LEU E 131 4.10 24.43 1.79
CA LEU E 131 4.84 24.44 3.05
C LEU E 131 6.11 23.61 2.85
N ALA E 132 7.25 24.28 2.88
CA ALA E 132 8.54 23.64 2.68
C ALA E 132 9.54 24.33 3.60
N PRO E 133 10.48 23.56 4.20
CA PRO E 133 11.47 24.14 5.12
C PRO E 133 12.34 25.18 4.44
N CYS E 134 12.89 26.11 5.23
CA CYS E 134 13.76 27.17 4.72
C CYS E 134 14.87 26.61 3.83
N SER E 135 15.53 25.56 4.31
CA SER E 135 16.48 24.79 3.52
C SER E 135 16.42 23.35 3.97
N ARG E 136 16.91 22.45 3.12
CA ARG E 136 17.00 21.03 3.48
C ARG E 136 17.88 20.82 4.70
N SER E 137 17.37 20.06 5.66
CA SER E 137 18.14 19.66 6.83
C SER E 137 19.23 18.67 6.40
N THR E 138 20.37 18.73 7.08
CA THR E 138 21.48 17.87 6.76
C THR E 138 21.60 16.70 7.75
N SER E 139 20.96 16.86 8.92
CA SER E 139 21.13 15.92 10.03
C SER E 139 19.89 15.09 10.37
N GLU E 140 18.75 15.44 9.80
CA GLU E 140 17.48 14.82 10.18
C GLU E 140 17.06 13.71 9.21
N SER E 141 16.54 12.61 9.75
CA SER E 141 16.14 11.45 8.95
C SER E 141 14.75 11.62 8.33
N THR E 142 13.96 12.52 8.91
CA THR E 142 12.57 12.74 8.50
C THR E 142 12.40 14.20 8.10
N ALA E 143 11.76 14.41 6.96
CA ALA E 143 11.40 15.75 6.51
C ALA E 143 9.89 15.90 6.49
N ALA E 144 9.42 17.13 6.66
CA ALA E 144 8.01 17.43 6.48
C ALA E 144 7.79 18.42 5.33
N LEU E 145 6.67 18.28 4.66
CA LEU E 145 6.22 19.26 3.70
C LEU E 145 4.70 19.29 3.75
N GLY E 146 4.10 20.31 3.16
CA GLY E 146 2.66 20.35 3.11
C GLY E 146 2.14 21.46 2.24
N CYS E 147 0.83 21.67 2.33
CA CYS E 147 0.18 22.82 1.72
CA CYS E 147 0.23 22.85 1.76
C CYS E 147 -0.69 23.56 2.72
N LEU E 148 -0.66 24.89 2.65
CA LEU E 148 -1.53 25.72 3.42
C LEU E 148 -2.72 26.08 2.53
N VAL E 149 -3.93 25.72 3.00
CA VAL E 149 -5.17 25.93 2.24
C VAL E 149 -5.91 27.10 2.90
N LYS E 150 -5.72 28.29 2.35
CA LYS E 150 -6.12 29.50 3.03
C LYS E 150 -7.32 30.22 2.42
N ASP E 151 -8.13 30.80 3.31
CA ASP E 151 -9.20 31.75 2.96
C ASP E 151 -10.29 31.21 2.05
N TYR E 152 -10.93 30.12 2.47
CA TYR E 152 -12.05 29.60 1.71
C TYR E 152 -13.33 29.64 2.54
N PHE E 153 -14.45 29.50 1.86
CA PHE E 153 -15.76 29.50 2.50
C PHE E 153 -16.79 28.92 1.54
N PRO E 154 -17.72 28.08 2.06
CA PRO E 154 -17.77 27.53 3.41
C PRO E 154 -16.93 26.26 3.50
N GLU E 155 -17.08 25.51 4.59
CA GLU E 155 -16.59 24.13 4.67
C GLU E 155 -17.37 23.26 3.69
N PRO E 156 -16.79 22.12 3.24
CA PRO E 156 -15.45 21.63 3.55
C PRO E 156 -14.50 21.72 2.35
N VAL E 157 -13.22 21.44 2.60
CA VAL E 157 -12.30 21.11 1.52
C VAL E 157 -11.84 19.67 1.71
N THR E 158 -11.44 19.03 0.62
CA THR E 158 -10.77 17.74 0.69
C THR E 158 -9.35 17.91 0.17
N VAL E 159 -8.40 17.24 0.83
CA VAL E 159 -7.02 17.25 0.40
C VAL E 159 -6.53 15.81 0.26
N SER E 160 -5.88 15.53 -0.86
CA SER E 160 -5.16 14.27 -1.03
C SER E 160 -3.74 14.61 -1.47
N TRP E 161 -2.89 13.59 -1.54
CA TRP E 161 -1.51 13.78 -1.96
C TRP E 161 -1.19 12.81 -3.09
N ASN E 162 -0.46 13.32 -4.09
CA ASN E 162 -0.13 12.54 -5.29
C ASN E 162 -1.31 11.74 -5.80
N SER E 163 -2.46 12.42 -5.93
CA SER E 163 -3.72 11.84 -6.43
C SER E 163 -4.22 10.63 -5.64
N GLY E 164 -3.89 10.56 -4.35
CA GLY E 164 -4.37 9.48 -3.49
C GLY E 164 -3.37 8.36 -3.30
N ALA E 165 -2.26 8.40 -4.02
CA ALA E 165 -1.22 7.38 -3.95
C ALA E 165 -0.33 7.52 -2.70
N LEU E 166 -0.26 8.75 -2.17
CA LEU E 166 0.48 8.98 -0.93
C LEU E 166 -0.52 9.20 0.21
N THR E 167 -0.60 8.24 1.13
CA THR E 167 -1.53 8.33 2.26
C THR E 167 -0.83 8.18 3.61
N SER E 168 0.25 7.39 3.63
CA SER E 168 1.02 7.15 4.84
C SER E 168 1.75 8.42 5.27
N GLY E 169 1.65 8.75 6.55
CA GLY E 169 2.28 9.95 7.11
C GLY E 169 1.57 11.27 6.85
N VAL E 170 0.39 11.21 6.24
CA VAL E 170 -0.40 12.41 5.93
C VAL E 170 -1.27 12.84 7.13
N HIS E 171 -1.25 14.13 7.45
CA HIS E 171 -2.19 14.72 8.40
C HIS E 171 -2.82 15.95 7.81
N THR E 172 -4.13 15.89 7.60
CA THR E 172 -4.89 17.06 7.17
C THR E 172 -5.63 17.60 8.37
N PHE E 173 -5.24 18.79 8.82
CA PHE E 173 -5.76 19.35 10.05
C PHE E 173 -7.19 19.88 9.93
N PRO E 174 -7.93 19.93 11.05
CA PRO E 174 -9.26 20.56 11.02
C PRO E 174 -9.12 22.04 10.72
N ALA E 175 -10.05 22.59 9.93
CA ALA E 175 -10.06 24.01 9.60
C ALA E 175 -10.20 24.86 10.85
N VAL E 176 -9.60 26.04 10.82
CA VAL E 176 -9.89 27.07 11.80
C VAL E 176 -10.65 28.20 11.11
N LEU E 177 -11.64 28.75 11.80
CA LEU E 177 -12.40 29.89 11.31
C LEU E 177 -11.68 31.15 11.72
N GLN E 178 -11.24 31.94 10.75
CA GLN E 178 -10.46 33.14 11.02
C GLN E 178 -11.40 34.32 11.29
N SER E 179 -10.87 35.38 11.90
CA SER E 179 -11.71 36.54 12.26
C SER E 179 -12.29 37.22 11.03
N SER E 180 -11.75 36.89 9.86
CA SER E 180 -12.28 37.36 8.58
C SER E 180 -13.58 36.65 8.20
N GLY E 181 -13.88 35.54 8.88
CA GLY E 181 -15.04 34.72 8.53
C GLY E 181 -14.72 33.64 7.51
N LEU E 182 -13.46 33.56 7.11
CA LEU E 182 -13.02 32.56 6.15
C LEU E 182 -12.27 31.45 6.88
N TYR E 183 -12.31 30.26 6.31
CA TYR E 183 -11.61 29.11 6.90
C TYR E 183 -10.20 28.97 6.35
N SER E 184 -9.37 28.29 7.14
CA SER E 184 -8.02 27.96 6.75
C SER E 184 -7.60 26.65 7.41
N LEU E 185 -6.89 25.81 6.66
CA LEU E 185 -6.30 24.59 7.20
C LEU E 185 -4.95 24.29 6.54
N SER E 186 -4.20 23.37 7.12
CA SER E 186 -3.01 22.87 6.47
C SER E 186 -3.06 21.35 6.34
N SER E 187 -2.41 20.83 5.30
CA SER E 187 -2.22 19.39 5.13
C SER E 187 -0.72 19.13 5.03
N VAL E 188 -0.23 18.15 5.77
CA VAL E 188 1.20 17.88 5.83
C VAL E 188 1.47 16.41 5.61
N VAL E 189 2.69 16.10 5.18
CA VAL E 189 3.14 14.73 5.09
C VAL E 189 4.60 14.69 5.52
N THR E 190 4.96 13.67 6.29
CA THR E 190 6.36 13.49 6.67
C THR E 190 6.95 12.37 5.82
N VAL E 191 8.19 12.57 5.36
CA VAL E 191 8.81 11.64 4.43
C VAL E 191 10.26 11.40 4.83
N PRO E 192 10.87 10.29 4.37
CA PRO E 192 12.30 10.16 4.62
C PRO E 192 13.02 11.30 3.90
N SER E 193 13.98 11.92 4.58
CA SER E 193 14.69 13.05 3.99
C SER E 193 15.54 12.67 2.78
N SER E 194 15.90 11.40 2.68
CA SER E 194 16.66 10.90 1.53
C SER E 194 15.80 10.81 0.28
N SER E 195 14.48 10.86 0.46
CA SER E 195 13.58 10.86 -0.69
C SER E 195 13.36 12.26 -1.29
N LEU E 196 13.81 13.31 -0.61
CA LEU E 196 13.69 14.67 -1.15
C LEU E 196 14.55 14.86 -2.40
N GLY E 197 13.93 15.44 -3.43
CA GLY E 197 14.59 15.69 -4.73
C GLY E 197 14.53 14.47 -5.64
N THR E 198 13.84 13.44 -5.16
CA THR E 198 13.90 12.10 -5.70
C THR E 198 12.54 11.70 -6.28
N LYS E 199 11.52 12.41 -5.84
CA LYS E 199 10.17 12.23 -6.35
C LYS E 199 9.39 13.52 -6.10
N THR E 200 8.26 13.66 -6.77
CA THR E 200 7.46 14.86 -6.64
C THR E 200 6.36 14.65 -5.61
N TYR E 201 6.07 15.72 -4.88
CA TYR E 201 5.00 15.72 -3.89
C TYR E 201 4.02 16.82 -4.25
N THR E 202 2.79 16.41 -4.57
CA THR E 202 1.75 17.32 -5.00
C THR E 202 0.51 17.13 -4.12
N CYS E 203 -0.03 18.23 -3.63
CA CYS E 203 -1.27 18.15 -2.89
C CYS E 203 -2.41 18.55 -3.81
N ASN E 204 -3.51 17.80 -3.71
CA ASN E 204 -4.69 18.02 -4.52
C ASN E 204 -5.82 18.49 -3.62
N VAL E 205 -6.21 19.74 -3.83
CA VAL E 205 -7.22 20.40 -3.01
C VAL E 205 -8.50 20.54 -3.81
N ASP E 206 -9.61 20.16 -3.19
CA ASP E 206 -10.92 20.17 -3.80
C ASP E 206 -11.85 20.98 -2.90
N HIS E 207 -12.49 21.99 -3.46
CA HIS E 207 -13.51 22.77 -2.75
C HIS E 207 -14.77 22.85 -3.60
N LYS E 208 -15.71 21.94 -3.36
CA LYS E 208 -16.96 21.84 -4.14
C LYS E 208 -17.83 23.10 -4.14
N PRO E 209 -18.05 23.75 -2.97
CA PRO E 209 -18.95 24.91 -2.97
C PRO E 209 -18.60 26.00 -3.98
N SER E 210 -17.31 26.19 -4.25
CA SER E 210 -16.87 27.19 -5.21
C SER E 210 -16.40 26.52 -6.50
N ASN E 211 -16.62 25.22 -6.60
CA ASN E 211 -16.13 24.42 -7.72
C ASN E 211 -14.65 24.69 -8.05
N THR E 212 -13.80 24.67 -7.02
CA THR E 212 -12.37 24.94 -7.15
C THR E 212 -11.55 23.65 -7.03
N LYS E 213 -10.62 23.46 -7.96
CA LYS E 213 -9.67 22.35 -7.89
C LYS E 213 -8.26 22.87 -8.09
N VAL E 214 -7.37 22.58 -7.15
CA VAL E 214 -5.99 23.08 -7.21
C VAL E 214 -5.02 21.95 -6.92
N ASP E 215 -4.00 21.82 -7.77
CA ASP E 215 -2.87 20.96 -7.49
C ASP E 215 -1.66 21.84 -7.20
N LYS E 216 -1.00 21.59 -6.09
CA LYS E 216 0.18 22.35 -5.72
C LYS E 216 1.36 21.42 -5.49
N ARG E 217 2.36 21.53 -6.37
CA ARG E 217 3.58 20.75 -6.28
C ARG E 217 4.49 21.43 -5.26
N VAL E 218 5.00 20.66 -4.29
CA VAL E 218 5.75 21.27 -3.19
C VAL E 218 7.26 21.03 -3.29
N GLU E 219 8.00 22.14 -3.15
CA GLU E 219 9.48 22.26 -3.04
C GLU E 219 10.21 22.58 -4.35
N ASP F 1 -37.94 21.33 30.34
CA ASP F 1 -37.61 20.00 29.76
C ASP F 1 -36.81 19.21 30.79
N ILE F 2 -36.54 17.94 30.45
CA ILE F 2 -35.69 17.11 31.29
C ILE F 2 -34.23 17.31 30.87
N GLN F 3 -33.38 17.66 31.81
CA GLN F 3 -31.96 17.86 31.54
C GLN F 3 -31.17 16.58 31.82
N MET F 4 -30.17 16.31 30.98
CA MET F 4 -29.25 15.20 31.20
C MET F 4 -27.90 15.76 31.57
N THR F 5 -27.30 15.21 32.62
CA THR F 5 -25.92 15.53 32.99
C THR F 5 -25.07 14.28 32.81
N GLN F 6 -24.26 14.27 31.76
CA GLN F 6 -23.38 13.16 31.42
C GLN F 6 -21.97 13.43 31.93
N SER F 7 -21.32 12.40 32.48
CA SER F 7 -19.92 12.52 32.90
C SER F 7 -19.18 11.20 32.74
N PRO F 8 -17.85 11.26 32.54
CA PRO F 8 -17.08 12.51 32.39
C PRO F 8 -17.12 12.99 30.93
N SER F 9 -16.61 14.18 30.66
CA SER F 9 -16.62 14.72 29.29
C SER F 9 -15.58 14.05 28.40
N SER F 10 -14.52 13.55 29.02
CA SER F 10 -13.51 12.81 28.30
C SER F 10 -12.92 11.72 29.16
N LEU F 11 -12.33 10.73 28.51
CA LEU F 11 -11.84 9.58 29.21
C LEU F 11 -10.65 9.03 28.44
N SER F 12 -9.59 8.76 29.17
CA SER F 12 -8.38 8.22 28.57
C SER F 12 -8.14 6.84 29.19
N ALA F 13 -8.15 5.81 28.36
CA ALA F 13 -8.05 4.44 28.87
C ALA F 13 -7.21 3.58 27.95
N SER F 14 -6.58 2.55 28.52
CA SER F 14 -5.78 1.61 27.76
C SER F 14 -6.67 0.59 27.07
N VAL F 15 -6.21 0.10 25.92
CA VAL F 15 -6.80 -1.07 25.31
C VAL F 15 -6.75 -2.19 26.37
N GLY F 16 -7.86 -2.92 26.50
CA GLY F 16 -7.99 -3.95 27.53
C GLY F 16 -8.56 -3.46 28.85
N ASP F 17 -8.62 -2.14 29.04
CA ASP F 17 -9.16 -1.58 30.28
C ASP F 17 -10.70 -1.54 30.27
N ARG F 18 -11.27 -1.23 31.43
CA ARG F 18 -12.71 -1.17 31.61
C ARG F 18 -13.09 0.25 32.00
N VAL F 19 -14.14 0.77 31.38
CA VAL F 19 -14.60 2.14 31.69
C VAL F 19 -16.10 2.20 31.97
N THR F 20 -16.50 3.18 32.76
CA THR F 20 -17.91 3.46 32.99
C THR F 20 -18.23 4.92 32.68
N ILE F 21 -19.37 5.12 32.04
CA ILE F 21 -19.86 6.46 31.71
C ILE F 21 -21.20 6.63 32.42
N THR F 22 -21.44 7.84 32.93
CA THR F 22 -22.58 8.12 33.77
C THR F 22 -23.50 9.19 33.17
N CYS F 23 -24.81 9.00 33.31
CA CYS F 23 -25.81 10.03 32.96
C CYS F 23 -26.83 10.15 34.09
N GLN F 24 -27.10 11.39 34.50
CA GLN F 24 -28.14 11.65 35.46
C GLN F 24 -29.24 12.53 34.85
N ALA F 25 -30.49 12.10 35.00
CA ALA F 25 -31.64 12.88 34.54
C ALA F 25 -32.16 13.77 35.66
N SER F 26 -32.71 14.94 35.29
CA SER F 26 -33.22 15.90 36.26
C SER F 26 -34.54 15.45 36.90
N GLN F 27 -35.18 14.44 36.32
CA GLN F 27 -36.34 13.81 36.94
C GLN F 27 -36.39 12.36 36.48
N ASP F 28 -37.31 11.59 37.07
CA ASP F 28 -37.44 10.17 36.78
C ASP F 28 -37.85 9.95 35.34
N ILE F 29 -37.05 9.15 34.62
CA ILE F 29 -37.33 8.84 33.23
C ILE F 29 -37.54 7.34 33.00
N GLY F 30 -37.64 6.57 34.09
CA GLY F 30 -37.89 5.13 34.01
C GLY F 30 -36.70 4.39 33.41
N ILE F 31 -36.93 3.68 32.32
CA ILE F 31 -35.86 3.04 31.59
C ILE F 31 -35.72 3.63 30.18
N SER F 32 -36.38 4.75 29.92
CA SER F 32 -36.41 5.34 28.58
C SER F 32 -35.16 6.20 28.30
N LEU F 33 -34.01 5.55 28.34
CA LEU F 33 -32.71 6.15 28.05
C LEU F 33 -31.92 5.22 27.16
N SER F 34 -31.26 5.79 26.15
CA SER F 34 -30.48 5.00 25.22
C SER F 34 -29.08 5.56 25.09
N TRP F 35 -28.15 4.71 24.65
CA TRP F 35 -26.76 5.11 24.51
C TRP F 35 -26.33 5.01 23.05
N TYR F 36 -25.55 6.00 22.62
CA TYR F 36 -25.07 6.09 21.24
C TYR F 36 -23.57 6.22 21.17
N GLN F 37 -22.99 5.68 20.11
CA GLN F 37 -21.56 5.77 19.84
C GLN F 37 -21.39 6.56 18.55
N GLN F 38 -20.50 7.54 18.56
CA GLN F 38 -20.23 8.28 17.33
C GLN F 38 -18.76 8.35 16.98
N LYS F 39 -18.45 8.03 15.74
CA LYS F 39 -17.10 8.15 15.22
C LYS F 39 -17.02 9.31 14.25
N PRO F 40 -15.82 9.89 14.05
CA PRO F 40 -15.64 11.07 13.18
C PRO F 40 -16.22 10.87 11.77
N GLY F 41 -16.96 11.86 11.30
CA GLY F 41 -17.49 11.86 9.94
C GLY F 41 -18.71 10.97 9.78
N LYS F 42 -19.16 10.35 10.87
CA LYS F 42 -20.29 9.43 10.81
C LYS F 42 -21.46 9.86 11.70
N ALA F 43 -22.66 9.49 11.29
CA ALA F 43 -23.85 9.61 12.13
C ALA F 43 -23.71 8.67 13.34
N PRO F 44 -24.40 9.02 14.46
CA PRO F 44 -24.32 8.20 15.66
C PRO F 44 -24.90 6.80 15.42
N LYS F 45 -24.45 5.84 16.23
CA LYS F 45 -24.95 4.48 16.15
C LYS F 45 -25.56 4.10 17.51
N LEU F 46 -26.76 3.53 17.48
CA LEU F 46 -27.40 2.99 18.69
C LEU F 46 -26.64 1.79 19.25
N LEU F 47 -26.30 1.82 20.54
CA LEU F 47 -25.60 0.70 21.19
C LEU F 47 -26.54 -0.04 22.12
N ILE F 48 -27.15 0.72 23.02
CA ILE F 48 -28.05 0.23 24.06
C ILE F 48 -29.33 1.04 24.02
N TYR F 49 -30.48 0.36 24.00
CA TYR F 49 -31.78 1.02 24.07
C TYR F 49 -32.58 0.60 25.30
N ASN F 50 -33.43 1.49 25.77
CA ASN F 50 -34.21 1.27 26.99
C ASN F 50 -33.35 0.80 28.16
N ALA F 51 -32.28 1.54 28.39
CA ALA F 51 -31.39 1.41 29.55
C ALA F 51 -30.43 0.23 29.53
N ASN F 52 -30.89 -0.95 29.10
CA ASN F 52 -30.03 -2.15 29.17
C ASN F 52 -30.11 -3.14 28.01
N ASN F 53 -30.88 -2.84 26.96
CA ASN F 53 -30.96 -3.76 25.83
C ASN F 53 -29.90 -3.47 24.77
N LEU F 54 -29.16 -4.50 24.39
CA LEU F 54 -28.14 -4.37 23.34
C LEU F 54 -28.80 -4.32 21.98
N ALA F 55 -28.41 -3.36 21.16
CA ALA F 55 -28.90 -3.28 19.80
C ALA F 55 -28.29 -4.41 18.97
N ASP F 56 -28.85 -4.65 17.79
CA ASP F 56 -28.41 -5.75 16.93
C ASP F 56 -26.97 -5.59 16.50
N GLY F 57 -26.16 -6.62 16.79
CA GLY F 57 -24.78 -6.64 16.35
C GLY F 57 -23.78 -6.03 17.32
N VAL F 58 -24.28 -5.44 18.40
CA VAL F 58 -23.40 -4.82 19.40
C VAL F 58 -22.82 -5.91 20.31
N PRO F 59 -21.48 -5.94 20.47
CA PRO F 59 -20.80 -6.95 21.30
C PRO F 59 -21.13 -6.82 22.78
N SER F 60 -21.06 -7.94 23.51
CA SER F 60 -21.52 -8.00 24.90
CA SER F 60 -21.52 -8.00 24.90
C SER F 60 -20.60 -7.31 25.90
N ARG F 61 -19.44 -6.84 25.45
CA ARG F 61 -18.60 -6.04 26.33
C ARG F 61 -19.29 -4.72 26.70
N PHE F 62 -20.25 -4.29 25.89
CA PHE F 62 -21.09 -3.12 26.24
C PHE F 62 -22.28 -3.54 27.09
N SER F 63 -22.50 -2.82 28.18
CA SER F 63 -23.72 -3.04 28.96
C SER F 63 -24.22 -1.77 29.60
N GLY F 64 -25.54 -1.62 29.62
CA GLY F 64 -26.18 -0.48 30.24
C GLY F 64 -26.92 -0.93 31.49
N SER F 65 -27.01 -0.04 32.47
CA SER F 65 -27.79 -0.31 33.66
C SER F 65 -28.34 1.00 34.21
N GLY F 66 -29.22 0.86 35.20
CA GLY F 66 -29.87 1.98 35.82
C GLY F 66 -31.34 2.03 35.51
N SER F 67 -32.04 2.85 36.27
CA SER F 67 -33.47 3.02 36.18
C SER F 67 -33.76 4.28 36.97
N GLY F 68 -34.76 5.06 36.56
CA GLY F 68 -35.11 6.24 37.34
C GLY F 68 -34.35 7.47 36.90
N THR F 69 -33.31 7.85 37.63
CA THR F 69 -32.54 9.06 37.34
C THR F 69 -31.07 8.80 36.99
N ASP F 70 -30.52 7.66 37.43
CA ASP F 70 -29.08 7.38 37.27
C ASP F 70 -28.82 6.19 36.38
N PHE F 71 -28.00 6.41 35.35
CA PHE F 71 -27.73 5.39 34.33
C PHE F 71 -26.23 5.27 34.07
N THR F 72 -25.80 4.07 33.72
CA THR F 72 -24.39 3.80 33.48
C THR F 72 -24.21 2.98 32.23
N LEU F 73 -23.23 3.36 31.42
CA LEU F 73 -22.75 2.54 30.34
C LEU F 73 -21.39 1.98 30.74
N THR F 74 -21.25 0.67 30.64
CA THR F 74 -19.99 0.02 30.99
C THR F 74 -19.42 -0.66 29.76
N ILE F 75 -18.13 -0.44 29.51
CA ILE F 75 -17.44 -1.18 28.46
C ILE F 75 -16.32 -1.95 29.12
N SER F 76 -16.37 -3.28 29.03
CA SER F 76 -15.28 -4.08 29.56
C SER F 76 -14.24 -4.30 28.46
N SER F 77 -12.99 -4.44 28.85
CA SER F 77 -11.89 -4.75 27.92
C SER F 77 -12.00 -4.02 26.57
N LEU F 78 -11.76 -2.72 26.62
CA LEU F 78 -11.76 -1.84 25.45
C LEU F 78 -10.94 -2.40 24.30
N GLN F 79 -11.54 -2.43 23.12
CA GLN F 79 -10.84 -2.75 21.88
C GLN F 79 -10.63 -1.45 21.08
N PRO F 80 -9.57 -1.38 20.24
CA PRO F 80 -9.29 -0.16 19.46
C PRO F 80 -10.50 0.48 18.77
N GLU F 81 -11.43 -0.34 18.28
CA GLU F 81 -12.61 0.19 17.60
C GLU F 81 -13.65 0.85 18.53
N ASP F 82 -13.46 0.72 19.85
CA ASP F 82 -14.43 1.23 20.82
C ASP F 82 -14.16 2.68 21.16
N PHE F 83 -13.02 3.18 20.74
CA PHE F 83 -12.64 4.53 21.11
C PHE F 83 -13.35 5.50 20.18
N ALA F 84 -14.17 6.35 20.78
CA ALA F 84 -15.15 7.16 20.08
C ALA F 84 -15.81 8.10 21.07
N THR F 85 -16.84 8.81 20.63
CA THR F 85 -17.61 9.64 21.55
C THR F 85 -18.96 8.97 21.83
N TYR F 86 -19.35 8.97 23.11
CA TYR F 86 -20.58 8.32 23.54
C TYR F 86 -21.59 9.34 24.05
N TYR F 87 -22.86 9.14 23.72
CA TYR F 87 -23.95 10.02 24.15
C TYR F 87 -25.11 9.24 24.73
N CYS F 88 -25.63 9.68 25.86
CA CYS F 88 -26.92 9.18 26.32
C CYS F 88 -28.03 10.02 25.69
N LEU F 89 -29.20 9.41 25.55
CA LEU F 89 -30.39 10.08 25.06
C LEU F 89 -31.57 9.80 26.00
N GLN F 90 -32.09 10.87 26.61
CA GLN F 90 -33.36 10.86 27.33
C GLN F 90 -34.47 10.84 26.29
N HIS F 91 -35.25 9.77 26.26
CA HIS F 91 -36.38 9.70 25.33
C HIS F 91 -37.66 9.23 26.03
N ASN F 92 -37.80 9.63 27.27
CA ASN F 92 -39.03 9.44 28.04
C ASN F 92 -40.10 10.40 27.53
N SER F 93 -39.79 11.69 27.53
CA SER F 93 -40.74 12.75 27.19
C SER F 93 -40.11 13.80 26.28
N ALA F 94 -40.82 14.17 25.22
CA ALA F 94 -40.38 15.23 24.33
C ALA F 94 -40.47 16.57 25.05
N PRO F 95 -39.54 17.50 24.75
CA PRO F 95 -38.39 17.37 23.85
C PRO F 95 -37.32 16.42 24.39
N TYR F 96 -36.87 15.48 23.56
CA TYR F 96 -35.80 14.60 23.97
C TYR F 96 -34.49 15.37 24.13
N THR F 97 -33.56 14.80 24.88
CA THR F 97 -32.32 15.47 25.15
C THR F 97 -31.11 14.51 25.21
N PHE F 98 -30.04 14.90 24.54
CA PHE F 98 -28.78 14.15 24.59
C PHE F 98 -27.94 14.66 25.76
N GLY F 99 -27.16 13.76 26.37
CA GLY F 99 -26.09 14.17 27.26
C GLY F 99 -25.00 14.91 26.49
N GLN F 100 -24.06 15.50 27.23
CA GLN F 100 -23.03 16.36 26.63
C GLN F 100 -21.93 15.56 25.88
N GLY F 101 -21.92 14.25 26.06
CA GLY F 101 -20.93 13.38 25.39
C GLY F 101 -19.71 13.06 26.23
N THR F 102 -19.15 11.88 25.99
CA THR F 102 -17.89 11.47 26.58
C THR F 102 -16.97 11.04 25.44
N LYS F 103 -15.85 11.73 25.29
CA LYS F 103 -14.86 11.38 24.29
C LYS F 103 -13.88 10.37 24.88
N LEU F 104 -13.91 9.15 24.38
CA LEU F 104 -13.05 8.10 24.91
C LEU F 104 -11.83 7.94 24.01
N GLU F 105 -10.64 8.19 24.60
CA GLU F 105 -9.41 8.14 23.82
CA GLU F 105 -9.33 8.24 23.91
C GLU F 105 -8.42 7.09 24.37
N ILE F 106 -7.57 6.58 23.48
CA ILE F 106 -6.62 5.51 23.83
C ILE F 106 -5.41 6.05 24.58
N LYS F 107 -5.11 5.43 25.71
CA LYS F 107 -3.91 5.75 26.45
C LYS F 107 -2.75 4.90 25.94
N ARG F 108 -1.65 5.55 25.56
CA ARG F 108 -0.45 4.86 25.06
C ARG F 108 0.79 5.49 25.70
N THR F 109 1.97 4.98 25.40
CA THR F 109 3.20 5.53 25.98
C THR F 109 3.46 6.92 25.46
N VAL F 110 4.18 7.71 26.26
CA VAL F 110 4.60 9.05 25.89
C VAL F 110 5.42 9.03 24.59
N ALA F 111 5.08 9.90 23.65
CA ALA F 111 5.86 10.06 22.42
C ALA F 111 6.10 11.55 22.19
N ALA F 112 7.37 11.95 22.11
CA ALA F 112 7.72 13.35 21.87
C ALA F 112 7.41 13.71 20.41
N PRO F 113 6.95 14.96 20.17
CA PRO F 113 6.73 15.37 18.78
C PRO F 113 8.02 15.60 17.99
N SER F 114 7.97 15.32 16.70
CA SER F 114 8.93 15.86 15.76
C SER F 114 8.45 17.26 15.42
N VAL F 115 9.34 18.23 15.45
CA VAL F 115 8.96 19.62 15.22
C VAL F 115 9.54 20.12 13.90
N PHE F 116 8.72 20.84 13.14
CA PHE F 116 9.11 21.42 11.85
C PHE F 116 8.55 22.82 11.75
N ILE F 117 9.33 23.72 11.18
CA ILE F 117 8.89 25.10 10.92
C ILE F 117 8.94 25.39 9.41
N PHE F 118 7.92 26.09 8.91
CA PHE F 118 7.84 26.48 7.51
C PHE F 118 7.69 27.98 7.36
N PRO F 119 8.61 28.61 6.60
CA PRO F 119 8.46 30.03 6.25
C PRO F 119 7.28 30.25 5.30
N PRO F 120 6.74 31.49 5.24
CA PRO F 120 5.75 31.78 4.22
C PRO F 120 6.33 31.61 2.82
N SER F 121 5.51 31.17 1.88
CA SER F 121 5.92 31.03 0.49
C SER F 121 6.03 32.39 -0.19
N ASP F 122 6.82 32.48 -1.25
CA ASP F 122 6.91 33.70 -2.07
C ASP F 122 5.57 34.07 -2.68
N GLU F 123 4.87 33.05 -3.19
CA GLU F 123 3.52 33.24 -3.74
C GLU F 123 2.63 33.98 -2.75
N GLN F 124 2.56 33.49 -1.51
CA GLN F 124 1.75 34.16 -0.50
C GLN F 124 2.24 35.57 -0.21
N LEU F 125 3.55 35.75 -0.13
CA LEU F 125 4.09 37.07 0.20
C LEU F 125 3.65 38.14 -0.82
N LYS F 126 3.53 37.75 -2.09
CA LYS F 126 3.07 38.65 -3.15
C LYS F 126 1.75 39.33 -2.87
N SER F 127 0.88 38.71 -2.06
CA SER F 127 -0.42 39.32 -1.77
C SER F 127 -0.54 39.97 -0.38
N GLY F 128 0.58 40.20 0.29
CA GLY F 128 0.58 41.04 1.49
C GLY F 128 0.50 40.39 2.87
N THR F 129 0.34 39.07 2.91
CA THR F 129 0.22 38.35 4.18
C THR F 129 1.26 37.24 4.30
N ALA F 130 1.83 37.10 5.49
CA ALA F 130 2.80 36.05 5.79
C ALA F 130 2.25 35.08 6.84
N SER F 131 2.09 33.81 6.44
CA SER F 131 1.73 32.75 7.37
C SER F 131 2.97 31.88 7.66
N VAL F 132 3.37 31.84 8.92
CA VAL F 132 4.46 30.99 9.37
C VAL F 132 3.81 29.80 10.08
N VAL F 133 4.22 28.58 9.72
CA VAL F 133 3.59 27.36 10.21
C VAL F 133 4.58 26.49 10.98
N CYS F 134 4.15 26.05 12.16
CA CYS F 134 4.91 25.13 12.99
C CYS F 134 4.10 23.84 13.11
N LEU F 135 4.76 22.72 12.83
CA LEU F 135 4.12 21.41 12.89
C LEU F 135 4.73 20.57 14.00
N LEU F 136 3.84 19.98 14.80
CA LEU F 136 4.21 19.03 15.86
C LEU F 136 3.62 17.71 15.43
N ASN F 137 4.50 16.76 15.14
CA ASN F 137 4.09 15.53 14.49
C ASN F 137 4.08 14.33 15.42
N ASN F 138 2.96 13.61 15.44
CA ASN F 138 2.86 12.29 16.07
C ASN F 138 3.35 12.21 17.52
N PHE F 139 2.66 12.93 18.40
CA PHE F 139 3.04 12.96 19.81
C PHE F 139 1.91 12.43 20.72
N TYR F 140 2.27 12.10 21.95
CA TYR F 140 1.32 11.69 22.97
C TYR F 140 1.94 12.02 24.33
N PRO F 141 1.15 12.57 25.27
CA PRO F 141 -0.28 12.90 25.17
C PRO F 141 -0.56 14.19 24.37
N ARG F 142 -1.83 14.49 24.19
CA ARG F 142 -2.33 15.63 23.40
C ARG F 142 -1.78 16.99 23.85
N GLU F 143 -1.48 17.12 25.13
CA GLU F 143 -1.11 18.42 25.71
C GLU F 143 0.31 18.85 25.36
N ALA F 144 0.42 20.02 24.73
CA ALA F 144 1.71 20.57 24.26
C ALA F 144 1.70 22.10 24.25
N LYS F 145 2.82 22.69 24.62
CA LYS F 145 2.95 24.15 24.59
C LYS F 145 3.74 24.56 23.34
N VAL F 146 3.10 25.35 22.47
CA VAL F 146 3.76 25.97 21.33
C VAL F 146 3.86 27.48 21.55
N GLN F 147 5.08 27.98 21.60
CA GLN F 147 5.33 29.40 21.74
C GLN F 147 6.12 29.96 20.54
N TRP F 148 5.56 30.97 19.89
CA TRP F 148 6.22 31.67 18.79
C TRP F 148 7.13 32.77 19.29
N LYS F 149 8.32 32.86 18.68
CA LYS F 149 9.30 33.89 18.99
C LYS F 149 9.80 34.54 17.71
N VAL F 150 9.77 35.87 17.68
CA VAL F 150 10.23 36.66 16.55
C VAL F 150 11.37 37.56 17.06
N ASP F 151 12.58 37.33 16.55
CA ASP F 151 13.81 37.90 17.13
C ASP F 151 13.80 37.85 18.66
N ASN F 152 13.44 36.68 19.19
CA ASN F 152 13.38 36.43 20.64
C ASN F 152 12.19 37.02 21.39
N ALA F 153 11.42 37.89 20.74
CA ALA F 153 10.21 38.44 21.37
C ALA F 153 9.03 37.45 21.33
N LEU F 154 8.48 37.14 22.49
CA LEU F 154 7.30 36.25 22.61
C LEU F 154 6.07 36.85 21.98
N GLN F 155 5.36 36.05 21.19
CA GLN F 155 4.16 36.49 20.51
C GLN F 155 2.91 36.09 21.28
N SER F 156 1.84 36.86 21.12
CA SER F 156 0.52 36.55 21.67
C SER F 156 -0.55 37.13 20.77
N GLY F 157 -1.66 36.41 20.61
CA GLY F 157 -2.81 36.92 19.86
C GLY F 157 -2.73 36.83 18.35
N ASN F 158 -1.57 36.46 17.81
CA ASN F 158 -1.41 36.37 16.36
C ASN F 158 -1.15 34.94 15.82
N SER F 159 -1.54 33.93 16.59
CA SER F 159 -1.48 32.54 16.14
C SER F 159 -2.74 31.74 16.44
N GLN F 160 -3.08 30.82 15.54
CA GLN F 160 -4.15 29.83 15.74
C GLN F 160 -3.60 28.39 15.66
N GLU F 161 -4.15 27.54 16.52
CA GLU F 161 -3.78 26.12 16.63
C GLU F 161 -4.90 25.22 16.11
N SER F 162 -4.50 24.05 15.62
CA SER F 162 -5.43 23.01 15.22
C SER F 162 -4.78 21.65 15.54
N VAL F 163 -5.57 20.72 16.08
CA VAL F 163 -5.07 19.40 16.47
C VAL F 163 -5.87 18.32 15.72
N THR F 164 -5.19 17.28 15.24
CA THR F 164 -5.89 16.15 14.61
C THR F 164 -6.59 15.29 15.66
N GLU F 165 -7.52 14.46 15.20
CA GLU F 165 -8.07 13.38 16.02
C GLU F 165 -6.97 12.34 16.22
N GLN F 166 -7.09 11.55 17.29
CA GLN F 166 -6.10 10.54 17.60
C GLN F 166 -5.92 9.62 16.40
N ASP F 167 -4.66 9.39 16.01
CA ASP F 167 -4.39 8.54 14.84
C ASP F 167 -4.83 7.10 15.10
N SER F 168 -5.56 6.52 14.14
CA SER F 168 -6.14 5.19 14.31
C SER F 168 -5.11 4.05 14.28
N LYS F 169 -3.89 4.34 13.83
CA LYS F 169 -2.83 3.35 13.82
C LYS F 169 -1.88 3.45 15.02
N ASP F 170 -1.35 4.63 15.29
CA ASP F 170 -0.34 4.76 16.33
C ASP F 170 -0.80 5.54 17.58
N SER F 171 -2.07 5.96 17.58
CA SER F 171 -2.68 6.62 18.74
C SER F 171 -2.01 7.92 19.17
N THR F 172 -1.35 8.60 18.23
CA THR F 172 -0.72 9.88 18.51
C THR F 172 -1.58 11.03 17.98
N TYR F 173 -1.16 12.24 18.31
CA TYR F 173 -1.81 13.45 17.85
C TYR F 173 -0.82 14.25 17.04
N SER F 174 -1.34 15.11 16.18
CA SER F 174 -0.51 16.10 15.51
C SER F 174 -1.12 17.49 15.65
N LEU F 175 -0.26 18.49 15.63
CA LEU F 175 -0.67 19.85 15.89
C LEU F 175 -0.03 20.82 14.88
N SER F 176 -0.87 21.72 14.38
CA SER F 176 -0.46 22.76 13.46
C SER F 176 -0.69 24.11 14.13
N SER F 177 0.35 24.92 14.23
CA SER F 177 0.23 26.30 14.72
C SER F 177 0.63 27.29 13.62
N THR F 178 -0.29 28.19 13.24
CA THR F 178 -0.03 29.21 12.24
C THR F 178 0.10 30.60 12.86
N LEU F 179 1.28 31.20 12.69
CA LEU F 179 1.52 32.60 13.02
C LEU F 179 1.22 33.48 11.79
N THR F 180 0.30 34.43 11.94
CA THR F 180 -0.09 35.30 10.83
C THR F 180 0.41 36.74 11.04
N LEU F 181 1.16 37.25 10.06
CA LEU F 181 1.69 38.60 10.07
C LEU F 181 1.44 39.27 8.73
N SER F 182 1.39 40.60 8.73
CA SER F 182 1.43 41.37 7.49
C SER F 182 2.82 41.20 6.90
N LYS F 183 2.91 41.31 5.58
CA LYS F 183 4.19 41.25 4.89
C LYS F 183 5.17 42.25 5.51
N ALA F 184 4.69 43.46 5.79
CA ALA F 184 5.52 44.53 6.34
C ALA F 184 6.09 44.17 7.71
N ASP F 185 5.27 43.57 8.57
CA ASP F 185 5.76 43.14 9.88
C ASP F 185 6.75 41.99 9.74
N TYR F 186 6.49 41.09 8.80
CA TYR F 186 7.36 39.95 8.52
C TYR F 186 8.76 40.39 8.12
N GLU F 187 8.84 41.43 7.30
CA GLU F 187 10.13 41.93 6.80
C GLU F 187 10.86 42.83 7.79
N LYS F 188 10.20 43.17 8.90
CA LYS F 188 10.84 43.90 9.98
C LYS F 188 11.77 43.03 10.85
N HIS F 189 11.73 41.71 10.68
CA HIS F 189 12.46 40.82 11.58
C HIS F 189 13.18 39.70 10.86
N LYS F 190 14.18 39.13 11.54
CA LYS F 190 15.02 38.10 10.93
C LYS F 190 14.72 36.68 11.41
N VAL F 191 14.74 36.46 12.72
CA VAL F 191 14.70 35.11 13.28
C VAL F 191 13.29 34.72 13.72
N TYR F 192 12.75 33.69 13.08
CA TYR F 192 11.42 33.17 13.39
C TYR F 192 11.55 31.78 14.00
N ALA F 193 10.97 31.60 15.18
CA ALA F 193 11.13 30.37 15.95
C ALA F 193 9.84 29.93 16.64
N CYS F 194 9.58 28.62 16.62
CA CYS F 194 8.58 28.05 17.53
C CYS F 194 9.26 27.14 18.55
N GLU F 195 8.98 27.39 19.82
CA GLU F 195 9.47 26.55 20.90
C GLU F 195 8.35 25.63 21.37
N VAL F 196 8.67 24.35 21.48
CA VAL F 196 7.67 23.34 21.81
C VAL F 196 8.02 22.70 23.14
N THR F 197 7.08 22.72 24.08
CA THR F 197 7.29 22.02 25.34
C THR F 197 6.28 20.90 25.44
N HIS F 198 6.78 19.71 25.79
CA HIS F 198 5.97 18.50 25.85
C HIS F 198 6.56 17.48 26.83
N GLN F 199 5.69 16.73 27.48
CA GLN F 199 6.07 15.70 28.47
C GLN F 199 7.23 14.82 28.03
N GLY F 200 7.35 14.58 26.73
CA GLY F 200 8.35 13.67 26.18
C GLY F 200 9.68 14.27 25.76
N LEU F 201 9.86 15.58 25.97
CA LEU F 201 11.10 16.24 25.59
C LEU F 201 11.95 16.60 26.82
N SER F 202 13.20 16.11 26.85
CA SER F 202 14.16 16.39 27.94
C SER F 202 14.29 17.88 28.23
N SER F 203 14.50 18.66 27.17
CA SER F 203 14.27 20.11 27.20
C SER F 203 13.38 20.51 26.02
N PRO F 204 12.60 21.60 26.16
CA PRO F 204 11.81 22.19 25.08
C PRO F 204 12.60 22.30 23.78
N VAL F 205 11.93 22.01 22.65
CA VAL F 205 12.59 22.03 21.35
C VAL F 205 12.23 23.28 20.56
N THR F 206 13.27 23.96 20.07
CA THR F 206 13.10 25.11 19.19
C THR F 206 13.50 24.77 17.75
N LYS F 207 12.62 25.07 16.80
CA LYS F 207 12.96 25.09 15.38
C LYS F 207 12.87 26.53 14.89
N SER F 208 13.87 26.95 14.13
CA SER F 208 13.89 28.33 13.63
C SER F 208 14.44 28.50 12.22
N PHE F 209 14.12 29.63 11.59
CA PHE F 209 14.75 30.03 10.33
C PHE F 209 15.05 31.54 10.33
N ASN F 210 15.98 31.95 9.48
CA ASN F 210 16.24 33.37 9.24
C ASN F 210 15.55 33.79 7.96
N ARG F 211 14.68 34.80 8.05
CA ARG F 211 14.00 35.34 6.88
C ARG F 211 14.99 35.75 5.80
N GLY F 212 14.70 35.43 4.55
CA GLY F 212 15.54 35.86 3.44
C GLY F 212 16.79 35.02 3.24
N GLU F 213 17.21 34.32 4.29
CA GLU F 213 18.27 33.32 4.17
C GLU F 213 17.65 32.01 3.67
N CYS F 214 16.43 32.10 3.17
CA CYS F 214 15.69 30.94 2.66
C CYS F 214 15.91 30.75 1.17
#